data_9CR4
#
_entry.id   9CR4
#
_cell.length_a   1.00
_cell.length_b   1.00
_cell.length_c   1.00
_cell.angle_alpha   90.00
_cell.angle_beta   90.00
_cell.angle_gamma   90.00
#
_symmetry.space_group_name_H-M   'P 1'
#
_entity_poly.entity_id   1
_entity_poly.type   'polypeptide(L)'
_entity_poly.pdbx_seq_one_letter_code
;MPSPVTTFGPKATVETQDPASVRLTWNKSPKSVLVIKKMRDASLLQPFKELCTHLMEENMIVYVEKKVLEDPAIASDESF
GAVKKKFTTFREDYDDISNQIDFIICLGGDGTLLYASSLFQGSVPPVMAFHLGSLGFLTPFSFENFQSQVTQVIEGNAAV
VLRSRLKVRVVKELRGKKTAVHNGLGENGSQAAGLDMDVGKQAMQYQVLNEVVIDRGPSSYLSNVDVYLDGHLITTVQGD
GVIVSTPTGSTAYAAAAGASMIHPNVPAIMITPICPHSLSFRPIVVPAGVELKIMLSPEARNTAWVSFDGRKRQEIRHGD
SISITTSTYPLPSICVRDPVSDWFESLAQCLHWNVRKKQAHFELGLEHHHHHH
;
_entity_poly.pdbx_strand_id   A,B,C,D
#
# COMPACT_ATOMS: atom_id res chain seq x y z
N SER A 21 -26.11 -15.71 12.84
CA SER A 21 -25.99 -16.47 14.08
C SER A 21 -26.67 -17.83 13.95
N VAL A 22 -26.44 -18.50 12.83
CA VAL A 22 -26.99 -19.83 12.59
C VAL A 22 -26.38 -20.78 13.61
N ARG A 23 -27.24 -21.46 14.39
CA ARG A 23 -26.74 -22.26 15.49
C ARG A 23 -26.25 -23.63 15.03
N LEU A 24 -27.17 -24.47 14.55
CA LEU A 24 -26.84 -25.83 14.14
C LEU A 24 -28.12 -26.52 13.68
N THR A 25 -27.95 -27.61 12.94
CA THR A 25 -29.07 -28.46 12.53
C THR A 25 -28.54 -29.85 12.24
N TRP A 26 -28.91 -30.83 13.08
CA TRP A 26 -28.49 -32.22 12.90
C TRP A 26 -29.56 -33.10 12.29
N ASN A 27 -30.84 -32.80 12.55
CA ASN A 27 -31.97 -33.62 12.09
C ASN A 27 -31.89 -35.01 12.71
N LYS A 28 -30.88 -35.79 12.32
CA LYS A 28 -30.61 -37.09 12.91
C LYS A 28 -29.28 -37.02 13.63
N SER A 29 -29.15 -37.77 14.74
CA SER A 29 -27.94 -37.77 15.55
C SER A 29 -26.75 -38.20 14.70
N PRO A 30 -25.58 -37.59 14.88
CA PRO A 30 -24.43 -37.93 14.05
C PRO A 30 -23.99 -39.37 14.27
N LYS A 31 -23.58 -40.02 13.17
CA LYS A 31 -23.09 -41.39 13.21
C LYS A 31 -21.80 -41.61 12.44
N SER A 32 -21.47 -40.75 11.48
CA SER A 32 -20.27 -40.89 10.66
C SER A 32 -19.36 -39.70 10.87
N VAL A 33 -18.08 -39.96 11.11
CA VAL A 33 -17.08 -38.93 11.34
C VAL A 33 -15.91 -39.19 10.41
N LEU A 34 -15.53 -38.17 9.64
CA LEU A 34 -14.38 -38.25 8.75
C LEU A 34 -13.25 -37.42 9.34
N VAL A 35 -12.24 -38.11 9.88
CA VAL A 35 -11.09 -37.47 10.50
C VAL A 35 -9.98 -37.36 9.47
N ILE A 36 -9.52 -36.14 9.23
CA ILE A 36 -8.49 -35.86 8.24
C ILE A 36 -7.35 -35.14 8.93
N LYS A 37 -6.13 -35.66 8.77
CA LYS A 37 -4.95 -35.10 9.40
C LYS A 37 -4.02 -34.55 8.32
N LYS A 38 -3.21 -33.57 8.71
CA LYS A 38 -2.32 -32.92 7.74
C LYS A 38 -1.27 -33.89 7.20
N MET A 39 -0.97 -34.95 7.95
CA MET A 39 0.02 -35.95 7.58
C MET A 39 1.43 -35.36 7.47
N ARG A 40 2.43 -36.23 7.29
CA ARG A 40 3.83 -35.81 7.16
C ARG A 40 4.28 -34.98 8.36
N ASP A 41 3.76 -35.33 9.54
CA ASP A 41 4.11 -34.61 10.76
C ASP A 41 4.06 -35.58 11.93
N ALA A 42 5.22 -35.82 12.54
CA ALA A 42 5.27 -36.71 13.69
C ALA A 42 4.51 -36.13 14.88
N SER A 43 4.51 -34.80 15.01
CA SER A 43 3.85 -34.16 16.13
C SER A 43 2.35 -34.41 16.14
N LEU A 44 1.74 -34.69 14.98
CA LEU A 44 0.32 -34.97 14.91
C LEU A 44 -0.01 -36.45 15.04
N LEU A 45 1.00 -37.32 15.10
CA LEU A 45 0.73 -38.76 15.19
C LEU A 45 0.10 -39.11 16.53
N GLN A 46 0.69 -38.68 17.63
CA GLN A 46 0.17 -39.03 18.95
C GLN A 46 -1.22 -38.45 19.21
N PRO A 47 -1.48 -37.15 18.99
CA PRO A 47 -2.84 -36.65 19.24
C PRO A 47 -3.89 -37.29 18.36
N PHE A 48 -3.50 -37.79 17.17
CA PHE A 48 -4.45 -38.48 16.32
C PHE A 48 -4.97 -39.75 16.99
N LYS A 49 -4.09 -40.47 17.70
CA LYS A 49 -4.49 -41.71 18.34
C LYS A 49 -5.52 -41.46 19.44
N GLU A 50 -5.31 -40.42 20.25
CA GLU A 50 -6.22 -40.17 21.37
C GLU A 50 -7.62 -39.83 20.90
N LEU A 51 -7.73 -38.98 19.86
CA LEU A 51 -9.05 -38.59 19.37
C LEU A 51 -9.80 -39.79 18.79
N CYS A 52 -9.11 -40.63 18.03
CA CYS A 52 -9.78 -41.77 17.41
C CYS A 52 -10.30 -42.75 18.45
N THR A 53 -9.57 -42.92 19.55
CA THR A 53 -10.04 -43.80 20.62
C THR A 53 -11.34 -43.30 21.22
N HIS A 54 -11.42 -42.00 21.51
CA HIS A 54 -12.63 -41.44 22.10
C HIS A 54 -13.79 -41.48 21.11
N LEU A 55 -13.54 -41.13 19.84
CA LEU A 55 -14.59 -41.20 18.83
C LEU A 55 -15.07 -42.62 18.63
N MET A 56 -14.15 -43.59 18.65
CA MET A 56 -14.54 -44.98 18.55
C MET A 56 -15.19 -45.48 19.83
N GLU A 57 -14.88 -44.86 20.98
CA GLU A 57 -15.53 -45.26 22.22
C GLU A 57 -17.03 -45.02 22.16
N GLU A 58 -17.44 -43.87 21.63
CA GLU A 58 -18.86 -43.64 21.39
C GLU A 58 -19.33 -44.44 20.19
N ASN A 59 -20.63 -44.72 20.16
CA ASN A 59 -21.24 -45.53 19.11
C ASN A 59 -21.37 -44.73 17.81
N MET A 60 -20.21 -44.35 17.26
CA MET A 60 -20.14 -43.52 16.06
C MET A 60 -19.19 -44.16 15.07
N ILE A 61 -19.65 -44.37 13.84
CA ILE A 61 -18.80 -44.94 12.81
C ILE A 61 -17.75 -43.91 12.41
N VAL A 62 -16.50 -44.33 12.35
CA VAL A 62 -15.37 -43.44 12.08
C VAL A 62 -14.83 -43.74 10.70
N TYR A 63 -14.79 -42.71 9.85
CA TYR A 63 -14.14 -42.78 8.55
C TYR A 63 -12.80 -42.06 8.65
N VAL A 64 -11.76 -42.69 8.11
CA VAL A 64 -10.44 -42.08 8.01
C VAL A 64 -9.97 -42.28 6.58
N GLU A 65 -9.10 -41.37 6.12
CA GLU A 65 -8.61 -41.45 4.75
C GLU A 65 -7.94 -42.78 4.49
N LYS A 66 -8.12 -43.30 3.27
CA LYS A 66 -7.66 -44.64 2.94
C LYS A 66 -6.14 -44.75 3.05
N LYS A 67 -5.41 -43.73 2.60
CA LYS A 67 -3.96 -43.76 2.66
C LYS A 67 -3.44 -43.58 4.08
N VAL A 68 -4.20 -42.91 4.95
CA VAL A 68 -3.69 -42.60 6.29
C VAL A 68 -3.49 -43.87 7.10
N LEU A 69 -4.40 -44.83 6.98
CA LEU A 69 -4.35 -46.05 7.78
C LEU A 69 -3.28 -47.03 7.31
N GLU A 70 -2.45 -46.65 6.32
CA GLU A 70 -1.42 -47.54 5.83
C GLU A 70 -0.03 -46.90 5.79
N ASP A 71 0.18 -45.79 6.49
CA ASP A 71 1.51 -45.22 6.61
C ASP A 71 2.38 -46.09 7.50
N PRO A 72 3.70 -46.11 7.26
CA PRO A 72 4.57 -46.92 8.12
C PRO A 72 4.54 -46.50 9.58
N ALA A 73 4.33 -45.21 9.87
CA ALA A 73 4.27 -44.77 11.25
C ALA A 73 3.08 -45.37 11.99
N ILE A 74 1.92 -45.45 11.33
CA ILE A 74 0.74 -45.98 11.99
C ILE A 74 0.72 -47.51 11.95
N ALA A 75 1.38 -48.12 10.97
CA ALA A 75 1.44 -49.57 10.90
C ALA A 75 2.43 -50.15 11.89
N SER A 76 3.54 -49.47 12.15
CA SER A 76 4.57 -50.00 13.03
C SER A 76 4.06 -50.16 14.45
N ASP A 77 3.30 -49.18 14.95
CA ASP A 77 2.79 -49.20 16.32
C ASP A 77 1.69 -50.25 16.42
N GLU A 78 2.04 -51.43 16.96
CA GLU A 78 1.05 -52.49 17.13
C GLU A 78 0.07 -52.18 18.25
N SER A 79 0.39 -51.25 19.15
CA SER A 79 -0.53 -50.89 20.21
C SER A 79 -1.81 -50.29 19.65
N PHE A 80 -1.70 -49.43 18.64
CA PHE A 80 -2.86 -48.79 18.04
C PHE A 80 -3.63 -49.74 17.11
N GLY A 81 -3.11 -50.92 16.83
CA GLY A 81 -3.80 -51.85 15.94
C GLY A 81 -5.13 -52.35 16.45
N ALA A 82 -5.44 -52.12 17.73
CA ALA A 82 -6.71 -52.58 18.28
C ALA A 82 -7.89 -51.91 17.59
N VAL A 83 -7.80 -50.60 17.35
CA VAL A 83 -8.90 -49.87 16.74
C VAL A 83 -8.73 -49.66 15.24
N LYS A 84 -7.57 -49.98 14.69
CA LYS A 84 -7.33 -49.76 13.26
C LYS A 84 -8.32 -50.56 12.41
N LYS A 85 -8.72 -51.73 12.88
CA LYS A 85 -9.64 -52.57 12.13
C LYS A 85 -11.06 -52.01 12.11
N LYS A 86 -11.36 -50.99 12.90
CA LYS A 86 -12.71 -50.46 13.01
C LYS A 86 -12.92 -49.20 12.17
N PHE A 87 -12.00 -48.87 11.27
CA PHE A 87 -12.17 -47.74 10.38
C PHE A 87 -13.08 -48.11 9.22
N THR A 88 -13.14 -47.22 8.23
CA THR A 88 -13.93 -47.49 7.02
C THR A 88 -13.34 -46.74 5.82
N SER A 98 -17.72 -39.63 1.14
CA SER A 98 -18.25 -39.30 -0.19
C SER A 98 -19.63 -38.68 -0.09
N ASN A 99 -20.61 -39.47 0.36
CA ASN A 99 -21.98 -38.99 0.50
C ASN A 99 -22.64 -39.45 1.79
N GLN A 100 -21.90 -40.11 2.68
CA GLN A 100 -22.44 -40.55 3.96
C GLN A 100 -21.73 -39.94 5.16
N ILE A 101 -20.80 -39.01 4.93
CA ILE A 101 -20.12 -38.32 6.03
C ILE A 101 -21.08 -37.32 6.66
N ASP A 102 -21.17 -37.35 7.99
CA ASP A 102 -22.07 -36.47 8.71
C ASP A 102 -21.35 -35.34 9.44
N PHE A 103 -20.06 -35.48 9.69
CA PHE A 103 -19.33 -34.46 10.43
C PHE A 103 -17.83 -34.69 10.22
N ILE A 104 -17.09 -33.59 10.10
CA ILE A 104 -15.69 -33.62 9.73
C ILE A 104 -14.86 -33.01 10.86
N ILE A 105 -13.81 -33.70 11.26
CA ILE A 105 -12.82 -33.19 12.20
C ILE A 105 -11.48 -33.11 11.48
N CYS A 106 -10.85 -31.94 11.54
CA CYS A 106 -9.61 -31.68 10.82
C CYS A 106 -8.50 -31.34 11.80
N LEU A 107 -7.33 -31.91 11.58
CA LEU A 107 -6.14 -31.61 12.37
C LEU A 107 -5.13 -30.89 11.49
N GLY A 108 -4.68 -29.72 11.94
CA GLY A 108 -3.76 -28.92 11.15
C GLY A 108 -4.26 -27.51 10.94
N GLY A 109 -3.38 -26.60 10.53
CA GLY A 109 -3.75 -25.20 10.40
C GLY A 109 -3.86 -24.69 8.98
N ASP A 110 -5.09 -24.47 8.51
CA ASP A 110 -5.37 -23.80 7.25
C ASP A 110 -4.88 -24.57 6.03
N GLY A 111 -4.28 -25.74 6.25
CA GLY A 111 -3.83 -26.56 5.14
C GLY A 111 -4.67 -27.79 4.97
N THR A 112 -5.46 -28.10 5.99
CA THR A 112 -6.29 -29.30 6.00
C THR A 112 -7.71 -29.01 5.53
N LEU A 113 -8.27 -27.87 5.92
CA LEU A 113 -9.63 -27.54 5.51
C LEU A 113 -9.73 -27.37 3.99
N LEU A 114 -8.65 -26.94 3.34
CA LEU A 114 -8.62 -26.91 1.88
C LEU A 114 -8.76 -28.31 1.31
N TYR A 115 -8.05 -29.27 1.90
CA TYR A 115 -8.18 -30.66 1.45
C TYR A 115 -9.57 -31.22 1.75
N ALA A 116 -10.17 -30.79 2.87
CA ALA A 116 -11.51 -31.26 3.20
C ALA A 116 -12.54 -30.82 2.16
N SER A 117 -12.42 -29.57 1.69
CA SER A 117 -13.35 -29.09 0.66
C SER A 117 -13.12 -29.81 -0.67
N SER A 118 -11.89 -30.26 -0.93
CA SER A 118 -11.60 -30.94 -2.19
C SER A 118 -12.39 -32.24 -2.31
N LEU A 119 -12.51 -32.99 -1.22
CA LEU A 119 -13.21 -34.27 -1.29
C LEU A 119 -14.73 -34.11 -1.33
N PHE A 120 -15.24 -32.91 -1.07
CA PHE A 120 -16.68 -32.66 -1.03
C PHE A 120 -17.00 -31.53 -1.99
N GLN A 121 -17.26 -31.89 -3.25
CA GLN A 121 -17.71 -30.91 -4.24
C GLN A 121 -19.19 -30.56 -4.07
N GLY A 122 -19.96 -31.41 -3.41
CA GLY A 122 -21.36 -31.17 -3.13
C GLY A 122 -21.56 -30.45 -1.82
N SER A 123 -22.56 -30.91 -1.06
CA SER A 123 -22.84 -30.34 0.25
C SER A 123 -21.88 -30.90 1.28
N VAL A 124 -20.96 -30.06 1.75
CA VAL A 124 -19.96 -30.49 2.73
C VAL A 124 -20.53 -30.38 4.13
N PRO A 125 -20.38 -31.39 4.97
CA PRO A 125 -20.92 -31.33 6.34
C PRO A 125 -20.13 -30.35 7.19
N PRO A 126 -20.61 -30.04 8.39
CA PRO A 126 -19.85 -29.13 9.26
C PRO A 126 -18.46 -29.67 9.57
N VAL A 127 -17.49 -28.76 9.62
CA VAL A 127 -16.09 -29.11 9.80
C VAL A 127 -15.58 -28.40 11.04
N MET A 128 -14.94 -29.14 11.94
CA MET A 128 -14.31 -28.59 13.12
C MET A 128 -12.80 -28.80 13.01
N ALA A 129 -12.05 -27.71 13.08
CA ALA A 129 -10.61 -27.74 12.85
C ALA A 129 -9.87 -27.44 14.15
N PHE A 130 -8.86 -28.25 14.44
CA PHE A 130 -8.03 -28.09 15.62
C PHE A 130 -6.64 -27.62 15.22
N HIS A 131 -6.10 -26.67 15.99
CA HIS A 131 -4.76 -26.14 15.73
C HIS A 131 -3.81 -26.70 16.78
N LEU A 132 -2.80 -27.45 16.32
CA LEU A 132 -1.81 -28.04 17.21
C LEU A 132 -0.49 -27.30 16.98
N GLY A 133 -0.27 -26.24 17.74
CA GLY A 133 0.88 -25.39 17.55
C GLY A 133 0.53 -24.07 16.91
N SER A 134 0.82 -23.94 15.61
CA SER A 134 0.44 -22.74 14.88
C SER A 134 -1.07 -22.65 14.76
N LEU A 135 -1.59 -21.43 14.90
CA LEU A 135 -3.02 -21.16 14.84
C LEU A 135 -3.34 -20.44 13.54
N GLY A 136 -4.32 -20.95 12.81
CA GLY A 136 -4.72 -20.41 11.53
C GLY A 136 -6.06 -19.70 11.59
N PHE A 137 -6.49 -19.23 10.42
CA PHE A 137 -7.75 -18.50 10.30
C PHE A 137 -8.96 -19.42 10.24
N LEU A 138 -8.76 -20.72 10.04
CA LEU A 138 -9.86 -21.67 9.91
C LEU A 138 -9.88 -22.70 11.04
N THR A 139 -9.05 -22.53 12.06
CA THR A 139 -8.87 -23.53 13.13
C THR A 139 -9.07 -22.86 14.48
N PRO A 140 -10.32 -22.69 14.91
CA PRO A 140 -10.57 -21.99 16.16
C PRO A 140 -10.36 -22.84 17.41
N PHE A 141 -10.69 -24.12 17.34
CA PHE A 141 -10.73 -24.97 18.52
C PHE A 141 -9.32 -25.38 18.95
N SER A 142 -9.08 -25.29 20.26
CA SER A 142 -7.82 -25.72 20.85
C SER A 142 -7.91 -27.20 21.24
N PHE A 143 -6.77 -27.88 21.21
CA PHE A 143 -6.75 -29.31 21.46
C PHE A 143 -6.89 -29.68 22.93
N GLU A 144 -6.62 -28.74 23.83
CA GLU A 144 -6.76 -29.03 25.26
C GLU A 144 -8.21 -29.26 25.62
N ASN A 145 -8.45 -30.27 26.46
CA ASN A 145 -9.81 -30.68 26.84
C ASN A 145 -10.66 -30.96 25.60
N PHE A 146 -10.09 -31.70 24.66
CA PHE A 146 -10.80 -31.96 23.41
C PHE A 146 -12.02 -32.84 23.63
N GLN A 147 -12.01 -33.69 24.65
CA GLN A 147 -13.16 -34.56 24.90
C GLN A 147 -14.41 -33.74 25.18
N SER A 148 -14.28 -32.72 26.03
CA SER A 148 -15.44 -31.87 26.34
C SER A 148 -15.91 -31.11 25.11
N GLN A 149 -14.98 -30.59 24.31
CA GLN A 149 -15.36 -29.82 23.13
C GLN A 149 -16.06 -30.69 22.09
N VAL A 150 -15.57 -31.92 21.89
CA VAL A 150 -16.18 -32.80 20.91
C VAL A 150 -17.57 -33.23 21.35
N THR A 151 -17.75 -33.51 22.64
CA THR A 151 -19.06 -33.90 23.13
C THR A 151 -20.08 -32.79 22.95
N GLN A 152 -19.65 -31.53 23.13
CA GLN A 152 -20.57 -30.41 22.95
C GLN A 152 -21.04 -30.30 21.51
N VAL A 153 -20.14 -30.51 20.55
CA VAL A 153 -20.53 -30.44 19.14
C VAL A 153 -21.48 -31.59 18.79
N ILE A 154 -21.17 -32.80 19.26
CA ILE A 154 -22.02 -33.94 18.96
C ILE A 154 -23.39 -33.79 19.61
N GLU A 155 -23.41 -33.44 20.90
CA GLU A 155 -24.66 -33.42 21.64
C GLU A 155 -25.35 -32.05 21.53
N GLY A 156 -24.67 -31.00 21.97
CA GLY A 156 -25.23 -29.66 21.96
C GLY A 156 -25.08 -28.98 20.62
N ASN A 157 -25.38 -27.69 20.62
CA ASN A 157 -25.31 -26.86 19.43
C ASN A 157 -24.15 -25.88 19.56
N ALA A 158 -23.36 -25.75 18.49
CA ALA A 158 -22.25 -24.81 18.43
C ALA A 158 -22.38 -23.98 17.16
N ALA A 159 -22.17 -22.67 17.30
CA ALA A 159 -22.39 -21.74 16.19
C ALA A 159 -21.41 -22.02 15.05
N VAL A 160 -21.86 -21.71 13.84
CA VAL A 160 -21.11 -22.01 12.63
C VAL A 160 -21.03 -20.78 11.74
N VAL A 161 -20.07 -20.80 10.83
CA VAL A 161 -19.92 -19.78 9.79
C VAL A 161 -20.06 -20.47 8.44
N LEU A 162 -21.04 -20.04 7.65
CA LEU A 162 -21.25 -20.61 6.32
C LEU A 162 -20.31 -19.91 5.35
N ARG A 163 -19.10 -20.44 5.26
CA ARG A 163 -18.09 -19.85 4.40
C ARG A 163 -18.43 -20.08 2.94
N SER A 164 -18.20 -19.06 2.11
CA SER A 164 -18.56 -19.14 0.70
C SER A 164 -17.47 -19.84 -0.10
N ARG A 165 -17.87 -20.42 -1.23
CA ARG A 165 -16.95 -21.07 -2.15
C ARG A 165 -17.27 -20.66 -3.58
N LEU A 166 -16.25 -20.77 -4.43
CA LEU A 166 -16.37 -20.41 -5.84
C LEU A 166 -16.38 -21.68 -6.70
N LYS A 167 -17.30 -21.74 -7.65
CA LYS A 167 -17.28 -22.78 -8.67
C LYS A 167 -16.65 -22.18 -9.92
N VAL A 168 -15.58 -22.81 -10.39
CA VAL A 168 -14.85 -22.35 -11.57
C VAL A 168 -14.92 -23.42 -12.64
N ARG A 169 -15.20 -22.99 -13.87
CA ARG A 169 -15.28 -23.88 -15.02
C ARG A 169 -14.21 -23.46 -16.02
N VAL A 170 -13.34 -24.39 -16.38
CA VAL A 170 -12.31 -24.14 -17.37
C VAL A 170 -12.75 -24.81 -18.66
N VAL A 171 -13.04 -24.00 -19.68
CA VAL A 171 -13.55 -24.49 -20.95
C VAL A 171 -12.40 -24.56 -21.93
N LYS A 172 -12.20 -25.74 -22.51
CA LYS A 172 -11.12 -25.98 -23.45
C LYS A 172 -11.66 -26.00 -24.87
N GLU A 173 -10.91 -25.41 -25.80
CA GLU A 173 -11.34 -25.33 -27.19
C GLU A 173 -11.39 -26.72 -27.84
N ALA A 203 -16.65 -28.21 -18.59
CA ALA A 203 -15.91 -29.41 -18.94
C ALA A 203 -15.19 -29.98 -17.72
N MET A 204 -14.67 -29.10 -16.87
CA MET A 204 -13.95 -29.52 -15.68
C MET A 204 -14.21 -28.48 -14.58
N GLN A 205 -15.19 -28.77 -13.72
CA GLN A 205 -15.53 -27.86 -12.64
C GLN A 205 -14.56 -28.02 -11.48
N TYR A 206 -14.52 -27.00 -10.63
CA TYR A 206 -13.79 -27.06 -9.38
C TYR A 206 -14.53 -26.25 -8.33
N GLN A 207 -14.35 -26.61 -7.07
CA GLN A 207 -14.85 -25.83 -5.94
C GLN A 207 -13.66 -25.29 -5.17
N VAL A 208 -13.61 -23.97 -5.01
CA VAL A 208 -12.45 -23.27 -4.46
C VAL A 208 -12.88 -22.52 -3.23
N LEU A 209 -12.14 -22.71 -2.13
CA LEU A 209 -12.46 -22.07 -0.87
C LEU A 209 -11.69 -20.77 -0.64
N ASN A 210 -10.39 -20.77 -0.89
CA ASN A 210 -9.56 -19.59 -0.58
C ASN A 210 -9.41 -18.68 -1.79
N GLU A 211 -8.79 -19.16 -2.86
CA GLU A 211 -8.66 -18.32 -4.05
C GLU A 211 -8.34 -19.17 -5.27
N VAL A 212 -8.64 -18.62 -6.44
CA VAL A 212 -8.14 -19.11 -7.71
C VAL A 212 -7.20 -18.04 -8.26
N VAL A 213 -6.01 -18.47 -8.70
CA VAL A 213 -4.96 -17.57 -9.14
C VAL A 213 -4.68 -17.82 -10.62
N ILE A 214 -4.65 -16.76 -11.40
CA ILE A 214 -4.29 -16.82 -12.81
C ILE A 214 -3.05 -15.94 -12.97
N ASP A 215 -1.88 -16.57 -13.01
CA ASP A 215 -0.63 -15.84 -13.01
C ASP A 215 0.34 -16.46 -14.01
N ARG A 216 1.40 -15.72 -14.30
CA ARG A 216 2.46 -16.21 -15.18
C ARG A 216 3.24 -17.30 -14.47
N GLY A 217 3.34 -18.47 -15.09
CA GLY A 217 4.08 -19.57 -14.53
C GLY A 217 5.56 -19.39 -14.82
N PRO A 218 6.19 -20.44 -15.35
CA PRO A 218 7.59 -20.28 -15.79
C PRO A 218 7.64 -19.39 -17.02
N SER A 219 8.05 -18.15 -16.84
CA SER A 219 8.02 -17.13 -17.89
C SER A 219 8.74 -15.90 -17.37
N SER A 220 8.88 -14.92 -18.24
CA SER A 220 9.50 -13.65 -17.91
C SER A 220 8.63 -12.45 -18.27
N TYR A 221 7.86 -12.54 -19.36
CA TYR A 221 7.07 -11.42 -19.81
C TYR A 221 5.88 -11.18 -18.89
N LEU A 222 5.44 -9.93 -18.83
CA LEU A 222 4.26 -9.57 -18.06
C LEU A 222 3.01 -10.16 -18.71
N SER A 223 2.08 -10.59 -17.87
CA SER A 223 0.85 -11.20 -18.37
C SER A 223 -0.10 -10.14 -18.91
N ASN A 224 -0.94 -10.56 -19.86
CA ASN A 224 -1.98 -9.69 -20.45
C ASN A 224 -3.24 -10.53 -20.58
N VAL A 225 -4.09 -10.47 -19.56
CA VAL A 225 -5.30 -11.27 -19.50
C VAL A 225 -6.49 -10.35 -19.25
N ASP A 226 -7.61 -10.64 -19.90
CA ASP A 226 -8.81 -9.83 -19.82
C ASP A 226 -9.79 -10.40 -18.78
N VAL A 227 -10.43 -9.51 -18.05
CA VAL A 227 -11.39 -9.88 -17.01
C VAL A 227 -12.75 -9.37 -17.44
N TYR A 228 -13.73 -10.28 -17.51
CA TYR A 228 -15.09 -9.94 -17.89
C TYR A 228 -16.01 -10.09 -16.69
N LEU A 229 -16.94 -9.15 -16.55
CA LEU A 229 -17.95 -9.19 -15.49
C LEU A 229 -19.32 -9.09 -16.15
N ASP A 230 -19.98 -10.24 -16.31
CA ASP A 230 -21.28 -10.32 -16.98
C ASP A 230 -21.21 -9.77 -18.41
N GLY A 231 -20.16 -10.13 -19.13
CA GLY A 231 -20.00 -9.68 -20.50
C GLY A 231 -19.73 -8.20 -20.63
N HIS A 232 -19.17 -7.58 -19.59
CA HIS A 232 -19.00 -6.14 -19.50
C HIS A 232 -17.56 -5.80 -19.14
N LEU A 233 -16.62 -6.28 -19.97
CA LEU A 233 -15.19 -6.27 -19.69
C LEU A 233 -14.78 -5.04 -18.91
N ILE A 234 -14.17 -5.26 -17.76
CA ILE A 234 -13.92 -4.19 -16.80
C ILE A 234 -12.47 -3.72 -16.85
N THR A 235 -11.52 -4.65 -16.89
CA THR A 235 -10.12 -4.27 -16.87
C THR A 235 -9.28 -5.39 -17.46
N THR A 236 -8.13 -5.00 -17.99
CA THR A 236 -7.10 -5.93 -18.41
C THR A 236 -5.90 -5.75 -17.49
N VAL A 237 -5.61 -6.77 -16.68
CA VAL A 237 -4.58 -6.67 -15.66
C VAL A 237 -3.24 -7.08 -16.26
N GLN A 238 -2.24 -6.22 -16.10
CA GLN A 238 -0.89 -6.48 -16.55
C GLN A 238 0.03 -6.54 -15.34
N GLY A 239 0.82 -7.58 -15.25
CA GLY A 239 1.64 -7.84 -14.09
C GLY A 239 1.78 -9.34 -13.91
N ASP A 240 1.90 -9.74 -12.64
CA ASP A 240 2.06 -11.18 -12.37
C ASP A 240 0.76 -11.94 -12.54
N GLY A 241 -0.36 -11.41 -12.02
CA GLY A 241 -1.62 -12.12 -12.17
C GLY A 241 -2.72 -11.53 -11.31
N VAL A 242 -3.72 -12.35 -11.03
CA VAL A 242 -4.92 -11.95 -10.30
C VAL A 242 -5.30 -13.06 -9.32
N ILE A 243 -5.85 -12.66 -8.17
CA ILE A 243 -6.08 -13.56 -7.04
C ILE A 243 -7.56 -13.60 -6.67
N VAL A 244 -8.44 -13.65 -7.68
CA VAL A 244 -9.88 -13.74 -7.44
C VAL A 244 -10.15 -14.74 -6.32
N SER A 245 -10.86 -14.30 -5.28
CA SER A 245 -10.89 -15.04 -4.02
C SER A 245 -12.21 -14.83 -3.31
N THR A 246 -12.49 -15.74 -2.39
CA THR A 246 -13.62 -15.63 -1.47
C THR A 246 -13.24 -14.78 -0.27
N PRO A 247 -14.23 -14.34 0.52
CA PRO A 247 -13.90 -13.64 1.78
C PRO A 247 -13.06 -14.46 2.73
N THR A 248 -13.19 -15.79 2.70
CA THR A 248 -12.34 -16.64 3.53
C THR A 248 -10.88 -16.56 3.11
N GLY A 249 -10.63 -16.38 1.82
CA GLY A 249 -9.28 -16.21 1.31
C GLY A 249 -8.73 -14.81 1.42
N SER A 250 -9.51 -13.87 1.97
CA SER A 250 -9.03 -12.50 2.15
C SER A 250 -7.83 -12.43 3.08
N THR A 251 -7.70 -13.37 4.01
CA THR A 251 -6.54 -13.48 4.88
C THR A 251 -5.51 -14.45 4.32
N ALA A 252 -5.76 -15.03 3.17
CA ALA A 252 -4.87 -15.97 2.51
C ALA A 252 -3.93 -15.19 1.59
N TYR A 253 -3.27 -15.90 0.66
CA TYR A 253 -2.34 -15.30 -0.28
C TYR A 253 -2.85 -14.01 -0.91
N ALA A 254 -4.17 -13.83 -1.01
CA ALA A 254 -4.72 -12.57 -1.48
C ALA A 254 -4.33 -11.41 -0.59
N ALA A 255 -4.18 -11.65 0.71
CA ALA A 255 -3.79 -10.59 1.63
C ALA A 255 -2.37 -10.10 1.34
N ALA A 256 -1.48 -11.01 0.95
CA ALA A 256 -0.10 -10.63 0.66
C ALA A 256 0.01 -9.69 -0.53
N ALA A 257 -1.05 -9.58 -1.34
CA ALA A 257 -1.06 -8.73 -2.51
C ALA A 257 -1.69 -7.37 -2.24
N GLY A 258 -1.95 -7.03 -0.99
CA GLY A 258 -2.54 -5.75 -0.65
C GLY A 258 -4.04 -5.74 -0.49
N ALA A 259 -4.68 -6.90 -0.49
CA ALA A 259 -6.13 -6.95 -0.38
C ALA A 259 -6.58 -6.65 1.04
N SER A 260 -7.74 -5.98 1.15
CA SER A 260 -8.34 -5.74 2.45
C SER A 260 -8.90 -7.05 3.01
N MET A 261 -9.06 -7.08 4.32
CA MET A 261 -9.44 -8.29 5.04
C MET A 261 -10.96 -8.29 5.25
N ILE A 262 -11.63 -9.24 4.61
CA ILE A 262 -13.09 -9.30 4.61
C ILE A 262 -13.54 -10.37 5.60
N HIS A 263 -14.52 -10.04 6.44
CA HIS A 263 -15.10 -11.01 7.34
C HIS A 263 -15.89 -12.05 6.55
N PRO A 264 -15.83 -13.33 6.94
CA PRO A 264 -16.47 -14.38 6.14
C PRO A 264 -17.99 -14.35 6.11
N ASN A 265 -18.64 -13.40 6.79
CA ASN A 265 -20.08 -13.24 6.69
C ASN A 265 -20.49 -12.18 5.67
N VAL A 266 -19.53 -11.59 4.96
CA VAL A 266 -19.81 -10.60 3.93
C VAL A 266 -19.89 -11.32 2.59
N PRO A 267 -21.05 -11.36 1.93
CA PRO A 267 -21.16 -12.02 0.63
C PRO A 267 -20.58 -11.15 -0.47
N ALA A 268 -19.42 -11.54 -0.99
CA ALA A 268 -18.75 -10.77 -2.02
C ALA A 268 -17.65 -11.62 -2.64
N ILE A 269 -17.17 -11.18 -3.80
CA ILE A 269 -16.05 -11.80 -4.50
C ILE A 269 -14.99 -10.74 -4.72
N MET A 270 -13.76 -11.05 -4.36
CA MET A 270 -12.66 -10.11 -4.45
C MET A 270 -11.86 -10.34 -5.73
N ILE A 271 -11.31 -9.25 -6.26
CA ILE A 271 -10.36 -9.30 -7.37
C ILE A 271 -9.13 -8.52 -6.96
N THR A 272 -7.99 -9.20 -6.87
CA THR A 272 -6.76 -8.61 -6.37
C THR A 272 -5.61 -8.96 -7.30
N PRO A 273 -4.84 -7.97 -7.76
CA PRO A 273 -3.70 -8.25 -8.64
C PRO A 273 -2.51 -8.75 -7.87
N ILE A 274 -1.52 -9.25 -8.61
CA ILE A 274 -0.22 -9.61 -8.06
C ILE A 274 0.78 -8.66 -8.71
N CYS A 275 1.20 -7.63 -7.97
CA CYS A 275 2.14 -6.64 -8.48
C CYS A 275 1.66 -6.06 -9.80
N PRO A 276 0.57 -5.29 -9.82
CA PRO A 276 0.10 -4.74 -11.09
C PRO A 276 1.07 -3.71 -11.65
N HIS A 277 1.13 -3.66 -12.98
CA HIS A 277 1.99 -2.68 -13.63
C HIS A 277 1.46 -1.27 -13.44
N SER A 278 0.15 -1.10 -13.55
CA SER A 278 -0.48 0.19 -13.28
C SER A 278 -0.53 0.43 -11.78
N LEU A 279 -0.09 1.61 -11.34
CA LEU A 279 -0.01 1.89 -9.92
C LEU A 279 -1.33 2.37 -9.34
N SER A 280 -2.35 2.56 -10.16
CA SER A 280 -3.67 2.97 -9.70
C SER A 280 -4.66 1.81 -9.63
N PHE A 281 -4.21 0.58 -9.86
CA PHE A 281 -5.11 -0.56 -9.88
C PHE A 281 -5.27 -1.12 -8.48
N ARG A 282 -6.48 -1.07 -7.95
CA ARG A 282 -6.76 -1.40 -6.57
C ARG A 282 -7.50 -2.73 -6.47
N PRO A 283 -7.40 -3.43 -5.34
CA PRO A 283 -8.10 -4.70 -5.19
C PRO A 283 -9.60 -4.54 -4.97
N ILE A 284 -10.35 -4.42 -6.07
CA ILE A 284 -11.79 -4.23 -5.98
C ILE A 284 -12.46 -5.49 -5.44
N VAL A 285 -13.70 -5.33 -4.99
CA VAL A 285 -14.55 -6.44 -4.57
C VAL A 285 -15.94 -6.24 -5.17
N VAL A 286 -16.53 -7.32 -5.65
CA VAL A 286 -17.74 -7.26 -6.46
C VAL A 286 -18.81 -8.08 -5.75
N PRO A 287 -20.09 -7.87 -6.09
CA PRO A 287 -21.16 -8.62 -5.43
C PRO A 287 -21.01 -10.12 -5.63
N ALA A 288 -21.60 -10.88 -4.69
CA ALA A 288 -21.40 -12.32 -4.67
C ALA A 288 -22.02 -13.01 -5.88
N GLY A 289 -23.19 -12.56 -6.31
CA GLY A 289 -23.95 -13.25 -7.34
C GLY A 289 -23.54 -12.95 -8.77
N VAL A 290 -22.43 -12.28 -9.00
CA VAL A 290 -22.02 -11.90 -10.34
C VAL A 290 -21.28 -13.08 -10.97
N GLU A 291 -21.28 -13.11 -12.30
CA GLU A 291 -20.60 -14.15 -13.07
C GLU A 291 -19.34 -13.56 -13.70
N LEU A 292 -18.18 -14.00 -13.22
CA LEU A 292 -16.90 -13.56 -13.76
C LEU A 292 -16.47 -14.48 -14.91
N LYS A 293 -15.54 -13.97 -15.71
CA LYS A 293 -15.01 -14.73 -16.84
C LYS A 293 -13.65 -14.13 -17.21
N ILE A 294 -12.61 -14.93 -17.06
CA ILE A 294 -11.23 -14.49 -17.27
C ILE A 294 -10.65 -15.28 -18.44
N MET A 295 -10.11 -14.57 -19.42
CA MET A 295 -9.54 -15.22 -20.60
C MET A 295 -8.41 -14.35 -21.14
N LEU A 296 -7.47 -15.00 -21.82
CA LEU A 296 -6.31 -14.30 -22.35
C LEU A 296 -6.71 -13.33 -23.45
N SER A 297 -6.10 -12.14 -23.41
CA SER A 297 -6.35 -11.15 -24.45
C SER A 297 -5.76 -11.63 -25.77
N PRO A 298 -6.45 -11.41 -26.89
CA PRO A 298 -5.94 -11.91 -28.18
C PRO A 298 -4.58 -11.35 -28.56
N GLU A 299 -4.31 -10.09 -28.23
CA GLU A 299 -3.02 -9.47 -28.54
C GLU A 299 -2.11 -9.56 -27.32
N ALA A 300 -1.66 -10.77 -27.04
CA ALA A 300 -0.81 -11.03 -25.87
C ALA A 300 0.11 -12.20 -26.18
N ARG A 301 1.42 -11.98 -26.02
CA ARG A 301 2.38 -13.05 -26.18
C ARG A 301 2.45 -13.88 -24.89
N ASN A 302 2.91 -15.12 -25.05
CA ASN A 302 3.05 -16.08 -23.95
C ASN A 302 1.70 -16.44 -23.36
N THR A 303 1.66 -17.49 -22.54
CA THR A 303 0.43 -17.97 -21.94
C THR A 303 0.49 -17.84 -20.43
N ALA A 304 -0.64 -18.14 -19.79
CA ALA A 304 -0.79 -18.01 -18.34
C ALA A 304 -1.21 -19.34 -17.75
N TRP A 305 -0.95 -19.48 -16.46
CA TRP A 305 -1.26 -20.69 -15.71
C TRP A 305 -2.26 -20.38 -14.61
N VAL A 306 -3.14 -21.33 -14.33
CA VAL A 306 -4.20 -21.16 -13.34
C VAL A 306 -3.99 -22.18 -12.22
N SER A 307 -4.17 -21.73 -10.98
CA SER A 307 -4.06 -22.59 -9.81
C SER A 307 -5.32 -22.47 -8.97
N PHE A 308 -5.67 -23.57 -8.29
CA PHE A 308 -6.88 -23.64 -7.49
C PHE A 308 -6.50 -24.04 -6.06
N ASP A 309 -6.32 -23.06 -5.19
CA ASP A 309 -5.96 -23.29 -3.79
C ASP A 309 -4.67 -24.09 -3.68
N GLY A 310 -3.69 -23.74 -4.50
CA GLY A 310 -2.43 -24.48 -4.50
C GLY A 310 -2.57 -25.91 -4.95
N ARG A 311 -3.36 -26.15 -6.00
CA ARG A 311 -3.57 -27.49 -6.54
C ARG A 311 -3.23 -27.50 -8.01
N LYS A 312 -3.62 -28.57 -8.71
CA LYS A 312 -3.23 -28.82 -10.10
C LYS A 312 -3.18 -27.54 -10.93
N ARG A 313 -2.04 -27.30 -11.55
CA ARG A 313 -1.82 -26.15 -12.41
C ARG A 313 -1.93 -26.58 -13.87
N GLN A 314 -2.76 -25.87 -14.62
CA GLN A 314 -2.96 -26.18 -16.03
C GLN A 314 -2.89 -24.89 -16.82
N GLU A 315 -2.20 -24.94 -17.96
CA GLU A 315 -1.98 -23.75 -18.77
C GLU A 315 -3.23 -23.41 -19.56
N ILE A 316 -3.53 -22.11 -19.64
CA ILE A 316 -4.61 -21.59 -20.44
C ILE A 316 -4.02 -20.77 -21.58
N ARG A 317 -4.53 -20.98 -22.78
CA ARG A 317 -4.04 -20.36 -24.00
C ARG A 317 -5.13 -19.49 -24.61
N HIS A 318 -4.89 -19.03 -25.83
CA HIS A 318 -5.73 -18.02 -26.48
C HIS A 318 -7.17 -18.46 -26.69
N GLY A 319 -7.51 -19.70 -26.33
CA GLY A 319 -8.86 -20.18 -26.53
C GLY A 319 -9.59 -20.57 -25.26
N ASP A 320 -8.84 -20.82 -24.20
CA ASP A 320 -9.42 -21.28 -22.94
C ASP A 320 -9.95 -20.10 -22.14
N SER A 321 -11.05 -20.35 -21.41
CA SER A 321 -11.66 -19.34 -20.57
C SER A 321 -12.09 -19.98 -19.26
N ILE A 322 -11.91 -19.25 -18.17
CA ILE A 322 -12.33 -19.69 -16.84
C ILE A 322 -13.47 -18.80 -16.38
N SER A 323 -14.54 -19.42 -15.87
CA SER A 323 -15.73 -18.71 -15.41
C SER A 323 -15.91 -18.94 -13.92
N ILE A 324 -16.09 -17.86 -13.17
CA ILE A 324 -16.11 -17.91 -11.71
C ILE A 324 -17.46 -17.41 -11.23
N THR A 325 -18.09 -18.16 -10.32
CA THR A 325 -19.38 -17.84 -9.76
C THR A 325 -19.44 -18.39 -8.34
N THR A 326 -20.12 -17.67 -7.45
CA THR A 326 -20.26 -18.13 -6.09
C THR A 326 -21.07 -19.42 -6.04
N SER A 327 -20.54 -20.41 -5.33
CA SER A 327 -21.17 -21.72 -5.27
C SER A 327 -22.40 -21.69 -4.37
N THR A 328 -23.30 -22.64 -4.61
CA THR A 328 -24.50 -22.82 -3.80
C THR A 328 -24.29 -23.81 -2.66
N TYR A 329 -23.07 -24.32 -2.50
CA TYR A 329 -22.74 -25.32 -1.48
C TYR A 329 -21.66 -24.73 -0.57
N PRO A 330 -22.03 -24.03 0.48
CA PRO A 330 -21.03 -23.40 1.35
C PRO A 330 -20.35 -24.42 2.25
N LEU A 331 -19.27 -23.96 2.88
CA LEU A 331 -18.50 -24.80 3.81
C LEU A 331 -18.76 -24.31 5.23
N PRO A 332 -19.52 -25.07 6.04
CA PRO A 332 -19.76 -24.63 7.42
C PRO A 332 -18.60 -25.00 8.33
N SER A 333 -18.04 -23.99 9.01
CA SER A 333 -16.97 -24.17 9.97
C SER A 333 -17.45 -23.74 11.35
N ILE A 334 -17.26 -24.61 12.33
CA ILE A 334 -17.73 -24.36 13.68
C ILE A 334 -16.76 -23.41 14.39
N CYS A 335 -17.29 -22.49 15.17
CA CYS A 335 -16.49 -21.51 15.89
C CYS A 335 -16.51 -21.80 17.38
N VAL A 336 -15.38 -21.54 18.04
CA VAL A 336 -15.26 -21.84 19.46
C VAL A 336 -16.12 -20.91 20.29
N ARG A 337 -16.14 -19.61 19.97
CA ARG A 337 -16.91 -18.64 20.74
C ARG A 337 -18.03 -18.02 19.91
N ASP A 338 -17.71 -17.37 18.80
CA ASP A 338 -18.69 -16.74 17.93
C ASP A 338 -17.99 -16.34 16.64
N PRO A 339 -18.75 -16.10 15.57
CA PRO A 339 -18.11 -15.73 14.29
C PRO A 339 -17.26 -14.48 14.36
N VAL A 340 -17.65 -13.49 15.16
CA VAL A 340 -16.95 -12.21 15.15
C VAL A 340 -15.67 -12.27 15.97
N SER A 341 -15.78 -12.69 17.24
CA SER A 341 -14.62 -12.62 18.13
C SER A 341 -13.49 -13.52 17.66
N ASP A 342 -13.83 -14.71 17.16
CA ASP A 342 -12.79 -15.65 16.72
C ASP A 342 -12.01 -15.09 15.53
N TRP A 343 -12.69 -14.44 14.60
CA TRP A 343 -12.01 -13.89 13.44
C TRP A 343 -11.03 -12.79 13.83
N PHE A 344 -11.43 -11.91 14.75
CA PHE A 344 -10.53 -10.85 15.18
C PHE A 344 -9.41 -11.40 16.04
N GLU A 345 -9.69 -12.43 16.85
CA GLU A 345 -8.63 -13.09 17.60
C GLU A 345 -7.66 -13.78 16.67
N SER A 346 -8.16 -14.36 15.57
CA SER A 346 -7.28 -15.00 14.61
C SER A 346 -6.37 -13.99 13.92
N LEU A 347 -6.88 -12.79 13.63
CA LEU A 347 -6.07 -11.79 12.94
C LEU A 347 -4.88 -11.37 13.78
N ALA A 348 -5.09 -11.13 15.07
CA ALA A 348 -3.99 -10.67 15.92
C ALA A 348 -2.99 -11.77 16.20
N GLN A 349 -3.47 -12.99 16.49
CA GLN A 349 -2.58 -14.06 16.89
C GLN A 349 -1.78 -14.63 15.72
N CYS A 350 -2.35 -14.63 14.51
CA CYS A 350 -1.69 -15.22 13.36
C CYS A 350 -1.02 -14.19 12.46
N LEU A 351 -1.77 -13.21 11.96
CA LEU A 351 -1.27 -12.27 10.97
C LEU A 351 -0.83 -10.94 11.57
N HIS A 352 -0.94 -10.77 12.89
CA HIS A 352 -0.53 -9.54 13.58
C HIS A 352 -1.26 -8.32 13.01
N TRP A 353 -2.59 -8.33 13.19
CA TRP A 353 -3.43 -7.27 12.62
C TRP A 353 -3.14 -5.92 13.25
N ASN A 354 -2.86 -5.90 14.56
CA ASN A 354 -2.66 -4.65 15.27
C ASN A 354 -1.34 -4.57 16.02
N VAL A 355 -0.55 -5.64 16.02
CA VAL A 355 0.73 -5.63 16.72
C VAL A 355 1.88 -5.66 15.71
N SER B 21 -34.30 -8.68 -9.50
CA SER B 21 -33.75 -7.48 -10.10
C SER B 21 -34.80 -6.37 -10.16
N VAL B 22 -35.07 -5.75 -9.02
CA VAL B 22 -36.04 -4.66 -8.96
C VAL B 22 -35.46 -3.44 -9.66
N ARG B 23 -36.29 -2.79 -10.49
CA ARG B 23 -35.88 -1.60 -11.20
C ARG B 23 -36.49 -0.33 -10.62
N LEU B 24 -37.82 -0.28 -10.52
CA LEU B 24 -38.52 0.89 -10.00
C LEU B 24 -39.99 0.54 -9.84
N THR B 25 -40.64 1.25 -8.91
CA THR B 25 -42.08 1.08 -8.66
C THR B 25 -42.63 2.43 -8.20
N TRP B 26 -43.23 3.18 -9.12
CA TRP B 26 -43.78 4.48 -8.79
C TRP B 26 -45.10 4.39 -8.04
N ASN B 27 -45.91 3.36 -8.33
CA ASN B 27 -47.24 3.20 -7.75
C ASN B 27 -48.14 4.36 -8.16
N LYS B 28 -47.85 5.55 -7.64
CA LYS B 28 -48.53 6.78 -8.05
C LYS B 28 -47.57 7.59 -8.92
N SER B 29 -48.08 8.11 -10.03
CA SER B 29 -47.27 8.87 -10.97
C SER B 29 -46.63 10.07 -10.28
N PRO B 30 -45.38 10.39 -10.59
CA PRO B 30 -44.72 11.50 -9.89
C PRO B 30 -45.38 12.83 -10.18
N LYS B 31 -45.49 13.66 -9.14
CA LYS B 31 -46.08 14.98 -9.28
C LYS B 31 -45.22 16.02 -8.59
N SER B 32 -44.36 15.59 -7.66
CA SER B 32 -43.50 16.48 -6.90
C SER B 32 -42.05 16.16 -7.21
N VAL B 33 -41.27 17.19 -7.50
CA VAL B 33 -39.85 17.05 -7.80
C VAL B 33 -39.08 18.08 -6.99
N LEU B 34 -38.05 17.63 -6.29
CA LEU B 34 -37.14 18.50 -5.56
C LEU B 34 -35.84 18.62 -6.35
N VAL B 35 -35.59 19.81 -6.90
CA VAL B 35 -34.39 20.07 -7.69
C VAL B 35 -33.42 20.85 -6.81
N ILE B 36 -32.26 20.25 -6.55
CA ILE B 36 -31.22 20.86 -5.73
C ILE B 36 -29.97 21.02 -6.57
N LYS B 37 -29.39 22.22 -6.53
CA LYS B 37 -28.24 22.57 -7.35
C LYS B 37 -27.01 22.69 -6.46
N LYS B 38 -25.85 22.33 -7.02
CA LYS B 38 -24.61 22.39 -6.27
C LYS B 38 -24.26 23.82 -5.85
N MET B 39 -24.76 24.82 -6.55
CA MET B 39 -24.58 26.24 -6.22
C MET B 39 -23.12 26.66 -6.31
N ARG B 40 -22.87 27.96 -6.13
CA ARG B 40 -21.51 28.52 -6.17
C ARG B 40 -20.82 28.20 -7.49
N ASP B 41 -21.58 28.23 -8.59
CA ASP B 41 -21.03 27.94 -9.90
C ASP B 41 -21.87 28.63 -10.95
N ALA B 42 -21.26 29.55 -11.71
CA ALA B 42 -21.98 30.21 -12.79
C ALA B 42 -22.32 29.24 -13.90
N SER B 43 -21.46 28.25 -14.14
CA SER B 43 -21.69 27.28 -15.22
C SER B 43 -22.97 26.48 -15.00
N LEU B 44 -23.41 26.32 -13.76
CA LEU B 44 -24.64 25.60 -13.47
C LEU B 44 -25.87 26.49 -13.44
N LEU B 45 -25.70 27.81 -13.58
CA LEU B 45 -26.85 28.70 -13.55
C LEU B 45 -27.74 28.51 -14.76
N GLN B 46 -27.15 28.54 -15.95
CA GLN B 46 -27.94 28.41 -17.17
C GLN B 46 -28.65 27.06 -17.30
N PRO B 47 -27.99 25.91 -17.11
CA PRO B 47 -28.72 24.64 -17.23
C PRO B 47 -29.83 24.48 -16.21
N PHE B 48 -29.74 25.17 -15.07
CA PHE B 48 -30.82 25.12 -14.09
C PHE B 48 -32.10 25.70 -14.66
N LYS B 49 -31.99 26.78 -15.45
CA LYS B 49 -33.18 27.39 -16.04
C LYS B 49 -33.87 26.46 -17.02
N GLU B 50 -33.09 25.76 -17.86
CA GLU B 50 -33.69 24.93 -18.90
C GLU B 50 -34.47 23.78 -18.30
N LEU B 51 -33.91 23.10 -17.29
CA LEU B 51 -34.59 21.96 -16.70
C LEU B 51 -35.86 22.37 -15.99
N CYS B 52 -35.81 23.47 -15.23
CA CYS B 52 -36.98 23.88 -14.44
C CYS B 52 -38.14 24.25 -15.35
N THR B 53 -37.87 24.94 -16.46
CA THR B 53 -38.94 25.27 -17.40
C THR B 53 -39.57 24.01 -17.98
N HIS B 54 -38.74 23.03 -18.34
CA HIS B 54 -39.27 21.79 -18.91
C HIS B 54 -40.02 20.98 -17.88
N LEU B 55 -39.48 20.87 -16.66
CA LEU B 55 -40.19 20.15 -15.61
C LEU B 55 -41.52 20.82 -15.28
N MET B 56 -41.54 22.14 -15.22
CA MET B 56 -42.78 22.86 -14.97
C MET B 56 -43.71 22.83 -16.17
N GLU B 57 -43.17 22.58 -17.37
CA GLU B 57 -44.02 22.49 -18.55
C GLU B 57 -45.02 21.35 -18.41
N GLU B 58 -44.57 20.19 -17.93
CA GLU B 58 -45.47 19.11 -17.61
C GLU B 58 -46.23 19.42 -16.31
N ASN B 59 -47.40 18.82 -16.17
CA ASN B 59 -48.25 19.04 -15.00
C ASN B 59 -47.65 18.34 -13.79
N MET B 60 -46.57 18.92 -13.28
CA MET B 60 -45.79 18.33 -12.20
C MET B 60 -45.24 19.43 -11.31
N ILE B 61 -45.62 19.39 -10.03
CA ILE B 61 -45.19 20.42 -9.09
C ILE B 61 -43.68 20.31 -8.86
N VAL B 62 -43.02 21.46 -8.80
CA VAL B 62 -41.57 21.54 -8.65
C VAL B 62 -41.25 22.20 -7.32
N TYR B 63 -40.41 21.54 -6.51
CA TYR B 63 -39.91 22.10 -5.27
C TYR B 63 -38.48 22.56 -5.48
N VAL B 64 -38.14 23.71 -4.88
CA VAL B 64 -36.80 24.25 -4.90
C VAL B 64 -36.47 24.73 -3.49
N GLU B 65 -35.22 24.59 -3.08
CA GLU B 65 -34.80 25.09 -1.78
C GLU B 65 -35.10 26.58 -1.66
N LYS B 66 -35.66 26.98 -0.52
CA LYS B 66 -36.13 28.35 -0.36
C LYS B 66 -34.97 29.35 -0.45
N LYS B 67 -33.77 28.94 -0.07
CA LYS B 67 -32.62 29.83 -0.15
C LYS B 67 -32.00 29.87 -1.54
N VAL B 68 -32.37 28.94 -2.43
CA VAL B 68 -31.84 28.96 -3.79
C VAL B 68 -32.41 30.14 -4.57
N LEU B 69 -33.72 30.36 -4.46
CA LEU B 69 -34.37 31.45 -5.20
C LEU B 69 -34.27 32.80 -4.49
N GLU B 70 -33.04 33.19 -4.10
CA GLU B 70 -32.81 34.51 -3.56
C GLU B 70 -31.42 35.04 -3.91
N ASP B 71 -30.64 34.31 -4.72
CA ASP B 71 -29.32 34.76 -5.09
C ASP B 71 -29.41 35.96 -6.03
N PRO B 72 -28.38 36.81 -6.04
CA PRO B 72 -28.38 37.92 -7.01
C PRO B 72 -28.45 37.46 -8.45
N ALA B 73 -27.83 36.32 -8.77
CA ALA B 73 -27.87 35.82 -10.14
C ALA B 73 -29.28 35.44 -10.56
N ILE B 74 -30.04 34.79 -9.67
CA ILE B 74 -31.38 34.36 -10.03
C ILE B 74 -32.37 35.52 -9.97
N ALA B 75 -32.12 36.50 -9.09
CA ALA B 75 -33.01 37.65 -8.99
C ALA B 75 -32.80 38.63 -10.13
N SER B 76 -31.54 38.84 -10.53
CA SER B 76 -31.25 39.81 -11.58
C SER B 76 -31.86 39.40 -12.92
N ASP B 77 -31.80 38.12 -13.25
CA ASP B 77 -32.29 37.63 -14.54
C ASP B 77 -33.81 37.73 -14.55
N GLU B 78 -34.33 38.74 -15.24
CA GLU B 78 -35.77 38.92 -15.35
C GLU B 78 -36.40 37.95 -16.36
N SER B 79 -35.60 37.37 -17.25
CA SER B 79 -36.15 36.43 -18.22
C SER B 79 -36.71 35.19 -17.54
N PHE B 80 -36.01 34.68 -16.53
CA PHE B 80 -36.45 33.50 -15.80
C PHE B 80 -37.52 33.80 -14.76
N GLY B 81 -37.86 35.08 -14.55
CA GLY B 81 -38.87 35.43 -13.58
C GLY B 81 -40.26 34.95 -13.91
N ALA B 82 -40.48 34.48 -15.13
CA ALA B 82 -41.81 33.99 -15.52
C ALA B 82 -42.22 32.80 -14.68
N VAL B 83 -41.30 31.86 -14.44
CA VAL B 83 -41.62 30.65 -13.69
C VAL B 83 -41.11 30.67 -12.26
N LYS B 84 -40.35 31.69 -11.87
CA LYS B 84 -39.83 31.75 -10.51
C LYS B 84 -40.95 31.79 -9.48
N LYS B 85 -42.11 32.33 -9.85
CA LYS B 85 -43.23 32.40 -8.93
C LYS B 85 -43.85 31.02 -8.71
N LYS B 86 -43.74 30.13 -9.69
CA LYS B 86 -44.41 28.84 -9.62
C LYS B 86 -43.68 27.81 -8.78
N PHE B 87 -42.47 28.13 -8.30
CA PHE B 87 -41.76 27.21 -7.41
C PHE B 87 -42.51 27.10 -6.08
N THR B 88 -42.43 25.93 -5.46
CA THR B 88 -43.06 25.71 -4.17
C THR B 88 -42.01 25.50 -3.07
N GLN B 100 -42.75 15.07 1.51
CA GLN B 100 -43.71 15.11 0.42
C GLN B 100 -43.05 15.04 -0.96
N ILE B 101 -41.74 14.84 -1.02
CA ILE B 101 -41.03 14.78 -2.29
C ILE B 101 -41.16 13.37 -2.87
N ASP B 102 -41.48 13.29 -4.16
CA ASP B 102 -41.63 12.01 -4.84
C ASP B 102 -40.42 11.61 -5.66
N PHE B 103 -39.62 12.57 -6.11
CA PHE B 103 -38.47 12.26 -6.94
C PHE B 103 -37.50 13.43 -6.88
N ILE B 104 -36.20 13.12 -6.87
CA ILE B 104 -35.14 14.10 -6.65
C ILE B 104 -34.26 14.17 -7.88
N ILE B 105 -33.98 15.38 -8.34
CA ILE B 105 -33.03 15.64 -9.42
C ILE B 105 -31.89 16.46 -8.84
N CYS B 106 -30.65 16.02 -9.06
CA CYS B 106 -29.47 16.63 -8.48
C CYS B 106 -28.55 17.12 -9.58
N LEU B 107 -27.96 18.30 -9.34
CA LEU B 107 -26.97 18.88 -10.24
C LEU B 107 -25.66 19.07 -9.46
N GLY B 108 -24.56 18.59 -10.02
CA GLY B 108 -23.28 18.66 -9.36
C GLY B 108 -22.64 17.30 -9.19
N GLY B 109 -21.34 17.25 -8.93
CA GLY B 109 -20.63 15.99 -8.86
C GLY B 109 -20.19 15.57 -7.47
N ASP B 110 -20.86 14.58 -6.90
CA ASP B 110 -20.47 13.91 -5.66
C ASP B 110 -20.57 14.81 -4.44
N GLY B 111 -20.93 16.08 -4.65
CA GLY B 111 -21.14 17.00 -3.56
C GLY B 111 -22.59 17.34 -3.30
N THR B 112 -23.50 16.86 -4.15
CA THR B 112 -24.91 17.20 -4.07
C THR B 112 -25.74 16.11 -3.39
N LEU B 113 -25.45 14.83 -3.66
CA LEU B 113 -26.21 13.76 -3.03
C LEU B 113 -25.98 13.72 -1.52
N LEU B 114 -24.82 14.19 -1.05
CA LEU B 114 -24.61 14.32 0.39
C LEU B 114 -25.59 15.33 0.97
N TYR B 115 -25.82 16.43 0.26
CA TYR B 115 -26.83 17.39 0.70
C TYR B 115 -28.23 16.79 0.58
N ALA B 116 -28.45 15.96 -0.45
CA ALA B 116 -29.75 15.32 -0.61
C ALA B 116 -30.04 14.37 0.55
N SER B 117 -29.02 13.63 1.00
CA SER B 117 -29.22 12.72 2.12
C SER B 117 -29.56 13.48 3.40
N SER B 118 -28.96 14.66 3.58
CA SER B 118 -29.17 15.41 4.81
C SER B 118 -30.63 15.82 4.97
N LEU B 119 -31.27 16.26 3.88
CA LEU B 119 -32.65 16.71 3.97
C LEU B 119 -33.63 15.57 4.16
N PHE B 120 -33.22 14.33 3.93
CA PHE B 120 -34.09 13.17 4.02
C PHE B 120 -33.46 12.15 4.96
N GLN B 121 -33.78 12.27 6.25
CA GLN B 121 -33.33 11.29 7.23
C GLN B 121 -34.21 10.04 7.26
N GLY B 122 -35.39 10.09 6.67
CA GLY B 122 -36.28 8.95 6.56
C GLY B 122 -36.13 8.26 5.22
N SER B 123 -37.27 7.90 4.62
CA SER B 123 -37.26 7.25 3.32
C SER B 123 -37.02 8.30 2.23
N VAL B 124 -35.87 8.22 1.57
CA VAL B 124 -35.52 9.17 0.53
C VAL B 124 -36.01 8.66 -0.81
N PRO B 125 -36.66 9.50 -1.62
CA PRO B 125 -37.16 9.05 -2.93
C PRO B 125 -36.02 8.81 -3.88
N PRO B 126 -36.29 8.26 -5.08
CA PRO B 126 -35.22 8.06 -6.06
C PRO B 126 -34.52 9.36 -6.41
N VAL B 127 -33.20 9.27 -6.57
CA VAL B 127 -32.35 10.43 -6.81
C VAL B 127 -31.64 10.23 -8.14
N MET B 128 -31.77 11.21 -9.03
CA MET B 128 -31.10 11.22 -10.31
C MET B 128 -30.15 12.40 -10.34
N ALA B 129 -28.89 12.14 -10.65
CA ALA B 129 -27.84 13.16 -10.60
C ALA B 129 -27.21 13.32 -11.98
N PHE B 130 -26.94 14.57 -12.35
CA PHE B 130 -26.34 14.91 -13.63
C PHE B 130 -24.95 15.48 -13.39
N HIS B 131 -23.98 15.03 -14.20
CA HIS B 131 -22.60 15.50 -14.09
C HIS B 131 -22.35 16.50 -15.22
N LEU B 132 -22.38 17.78 -14.84
CA LEU B 132 -22.10 18.87 -15.78
C LEU B 132 -20.63 19.22 -15.67
N GLY B 133 -19.80 18.56 -16.47
CA GLY B 133 -18.37 18.76 -16.39
C GLY B 133 -17.66 17.58 -15.75
N SER B 134 -17.26 17.73 -14.49
CA SER B 134 -16.60 16.65 -13.77
C SER B 134 -17.55 15.48 -13.56
N LEU B 135 -17.00 14.28 -13.69
CA LEU B 135 -17.78 13.05 -13.58
C LEU B 135 -17.45 12.38 -12.25
N GLY B 136 -18.48 12.13 -11.44
CA GLY B 136 -18.33 11.51 -10.14
C GLY B 136 -18.79 10.07 -10.12
N PHE B 137 -19.12 9.60 -8.92
CA PHE B 137 -19.58 8.23 -8.73
C PHE B 137 -21.08 8.12 -8.54
N LEU B 138 -21.71 9.18 -8.03
CA LEU B 138 -23.16 9.19 -7.80
C LEU B 138 -23.90 9.93 -8.89
N THR B 139 -23.23 10.29 -9.99
CA THR B 139 -23.80 11.12 -11.05
C THR B 139 -23.62 10.41 -12.39
N PRO B 140 -24.50 9.46 -12.69
CA PRO B 140 -24.32 8.68 -13.93
C PRO B 140 -24.83 9.37 -15.19
N PHE B 141 -25.87 10.19 -15.06
CA PHE B 141 -26.55 10.74 -16.23
C PHE B 141 -25.80 11.94 -16.80
N SER B 142 -25.71 11.99 -18.12
CA SER B 142 -25.11 13.10 -18.83
C SER B 142 -26.19 14.11 -19.21
N PHE B 143 -25.79 15.39 -19.29
CA PHE B 143 -26.75 16.45 -19.51
C PHE B 143 -27.21 16.55 -20.96
N GLU B 144 -26.47 15.97 -21.90
CA GLU B 144 -26.88 16.01 -23.30
C GLU B 144 -28.16 15.20 -23.49
N ASN B 145 -29.07 15.75 -24.30
CA ASN B 145 -30.39 15.14 -24.52
C ASN B 145 -31.09 14.86 -23.20
N PHE B 146 -31.06 15.84 -22.31
CA PHE B 146 -31.63 15.66 -20.98
C PHE B 146 -33.13 15.42 -21.04
N GLN B 147 -33.84 16.09 -21.95
CA GLN B 147 -35.29 15.98 -21.99
C GLN B 147 -35.73 14.55 -22.26
N SER B 148 -35.08 13.86 -23.20
CA SER B 148 -35.41 12.47 -23.47
C SER B 148 -35.13 11.59 -22.26
N GLN B 149 -34.03 11.86 -21.56
CA GLN B 149 -33.67 11.07 -20.39
C GLN B 149 -34.68 11.28 -19.26
N VAL B 150 -35.15 12.52 -19.08
CA VAL B 150 -36.10 12.80 -18.00
C VAL B 150 -37.43 12.12 -18.28
N THR B 151 -37.84 12.08 -19.55
CA THR B 151 -39.10 11.43 -19.88
C THR B 151 -39.07 9.93 -19.56
N GLN B 152 -37.92 9.29 -19.78
CA GLN B 152 -37.81 7.86 -19.50
C GLN B 152 -37.99 7.56 -18.02
N VAL B 153 -37.37 8.37 -17.15
CA VAL B 153 -37.48 8.13 -15.72
C VAL B 153 -38.91 8.33 -15.23
N ILE B 154 -39.56 9.40 -15.68
CA ILE B 154 -40.92 9.67 -15.25
C ILE B 154 -41.88 8.60 -15.77
N GLU B 155 -41.80 8.29 -17.07
CA GLU B 155 -42.75 7.36 -17.66
C GLU B 155 -42.32 5.91 -17.45
N GLY B 156 -41.16 5.54 -17.98
CA GLY B 156 -40.69 4.18 -17.91
C GLY B 156 -39.97 3.86 -16.61
N ASN B 157 -39.40 2.67 -16.56
CA ASN B 157 -38.67 2.20 -15.40
C ASN B 157 -37.17 2.23 -15.69
N ALA B 158 -36.38 2.62 -14.70
CA ALA B 158 -34.93 2.66 -14.81
C ALA B 158 -34.32 1.93 -13.63
N ALA B 159 -33.20 1.25 -13.89
CA ALA B 159 -32.51 0.50 -12.85
C ALA B 159 -31.93 1.43 -11.79
N VAL B 160 -31.91 0.95 -10.56
CA VAL B 160 -31.48 1.75 -9.42
C VAL B 160 -30.47 0.96 -8.59
N VAL B 161 -29.73 1.68 -7.77
CA VAL B 161 -28.82 1.11 -6.77
C VAL B 161 -29.33 1.53 -5.40
N LEU B 162 -29.68 0.56 -4.57
CA LEU B 162 -30.13 0.84 -3.20
C LEU B 162 -28.89 1.02 -2.32
N ARG B 163 -28.32 2.21 -2.39
CA ARG B 163 -27.10 2.51 -1.65
C ARG B 163 -27.36 2.49 -0.15
N SER B 164 -26.42 1.90 0.59
CA SER B 164 -26.58 1.77 2.03
C SER B 164 -26.20 3.06 2.74
N ARG B 165 -26.78 3.28 3.91
CA ARG B 165 -26.47 4.42 4.74
C ARG B 165 -26.31 3.96 6.19
N LEU B 166 -25.58 4.76 6.96
CA LEU B 166 -25.30 4.48 8.36
C LEU B 166 -26.07 5.42 9.26
N LYS B 167 -26.79 4.88 10.22
CA LYS B 167 -27.40 5.68 11.28
C LYS B 167 -26.40 5.78 12.43
N VAL B 168 -26.13 7.00 12.87
CA VAL B 168 -25.07 7.28 13.82
C VAL B 168 -25.67 8.02 15.00
N ARG B 169 -25.43 7.48 16.20
CA ARG B 169 -25.88 8.09 17.45
C ARG B 169 -24.68 8.53 18.26
N VAL B 170 -24.67 9.80 18.66
CA VAL B 170 -23.63 10.34 19.53
C VAL B 170 -24.26 10.62 20.89
N VAL B 171 -23.79 9.93 21.91
CA VAL B 171 -24.33 10.04 23.27
C VAL B 171 -23.30 10.72 24.14
N LYS B 172 -23.71 11.79 24.81
CA LYS B 172 -22.80 12.55 25.66
C LYS B 172 -22.77 11.98 27.07
N ALA B 203 -28.85 12.32 22.38
CA ALA B 203 -29.22 11.29 21.40
C ALA B 203 -29.45 11.92 20.03
N MET B 204 -28.46 12.66 19.54
CA MET B 204 -28.55 13.31 18.25
C MET B 204 -28.13 12.32 17.16
N GLN B 205 -29.10 11.83 16.39
CA GLN B 205 -28.83 10.87 15.34
C GLN B 205 -28.41 11.56 14.05
N TYR B 206 -27.79 10.79 13.17
CA TYR B 206 -27.42 11.25 11.84
C TYR B 206 -27.56 10.09 10.86
N GLN B 207 -27.79 10.43 9.60
CA GLN B 207 -27.75 9.47 8.50
C GLN B 207 -26.60 9.87 7.58
N VAL B 208 -25.68 8.94 7.35
CA VAL B 208 -24.46 9.21 6.60
C VAL B 208 -24.42 8.30 5.38
N LEU B 209 -24.18 8.90 4.21
CA LEU B 209 -24.12 8.15 2.96
C LEU B 209 -22.71 7.69 2.63
N ASN B 210 -21.72 8.56 2.77
CA ASN B 210 -20.36 8.20 2.40
C ASN B 210 -19.56 7.67 3.58
N GLU B 211 -19.37 8.49 4.62
CA GLU B 211 -18.39 8.13 5.64
C GLU B 211 -18.56 8.99 6.88
N VAL B 212 -18.26 8.40 8.03
CA VAL B 212 -18.09 9.13 9.28
C VAL B 212 -16.63 9.00 9.69
N VAL B 213 -16.01 10.13 10.02
CA VAL B 213 -14.57 10.19 10.31
C VAL B 213 -14.38 10.64 11.73
N ILE B 214 -13.56 9.91 12.48
CA ILE B 214 -13.20 10.25 13.85
C ILE B 214 -11.70 10.47 13.87
N ASP B 215 -11.28 11.73 13.85
CA ASP B 215 -9.88 12.06 13.71
C ASP B 215 -9.54 13.26 14.59
N ARG B 216 -8.24 13.42 14.85
CA ARG B 216 -7.75 14.61 15.54
C ARG B 216 -8.05 15.84 14.70
N GLY B 217 -8.50 16.91 15.35
CA GLY B 217 -8.86 18.12 14.65
C GLY B 217 -7.91 19.26 14.95
N PRO B 218 -8.44 20.34 15.51
CA PRO B 218 -7.56 21.46 15.90
C PRO B 218 -6.69 21.10 17.08
N SER B 219 -5.76 20.17 16.87
CA SER B 219 -4.90 19.67 17.93
C SER B 219 -3.68 19.01 17.29
N SER B 220 -2.92 18.29 18.09
CA SER B 220 -1.69 17.65 17.63
C SER B 220 -1.60 16.26 18.26
N LEU B 222 -0.95 12.06 18.60
CA LEU B 222 -1.68 10.94 18.05
C LEU B 222 -3.08 10.87 18.67
N SER B 223 -3.87 9.88 18.27
CA SER B 223 -5.21 9.69 18.80
C SER B 223 -5.35 8.24 19.27
N ASN B 224 -5.73 8.07 20.53
CA ASN B 224 -5.95 6.75 21.12
C ASN B 224 -7.44 6.59 21.37
N VAL B 225 -8.14 5.97 20.43
CA VAL B 225 -9.57 5.78 20.50
C VAL B 225 -9.87 4.30 20.28
N ASP B 226 -10.84 3.79 21.03
CA ASP B 226 -11.19 2.38 21.02
C ASP B 226 -12.38 2.11 20.12
N VAL B 227 -12.36 0.95 19.47
CA VAL B 227 -13.42 0.53 18.55
C VAL B 227 -14.00 -0.78 19.08
N TYR B 228 -15.31 -0.79 19.30
CA TYR B 228 -16.01 -1.96 19.80
C TYR B 228 -16.96 -2.49 18.74
N LEU B 229 -16.98 -3.82 18.58
CA LEU B 229 -17.86 -4.50 17.63
C LEU B 229 -18.72 -5.49 18.40
N ASP B 230 -20.00 -5.20 18.53
CA ASP B 230 -20.94 -6.05 19.27
C ASP B 230 -20.47 -6.28 20.71
N GLY B 231 -19.95 -5.22 21.32
CA GLY B 231 -19.53 -5.26 22.70
C GLY B 231 -18.12 -5.76 22.95
N HIS B 232 -17.40 -6.15 21.91
CA HIS B 232 -16.04 -6.67 22.04
C HIS B 232 -15.06 -5.66 21.46
N LEU B 233 -14.02 -5.35 22.22
CA LEU B 233 -12.99 -4.43 21.76
C LEU B 233 -12.14 -5.10 20.69
N ILE B 234 -12.44 -4.79 19.43
CA ILE B 234 -11.71 -5.42 18.33
C ILE B 234 -10.32 -4.82 18.19
N THR B 235 -10.22 -3.50 18.27
CA THR B 235 -8.94 -2.85 18.05
C THR B 235 -8.93 -1.48 18.70
N THR B 236 -7.72 -0.95 18.90
CA THR B 236 -7.49 0.42 19.32
C THR B 236 -6.57 1.06 18.29
N VAL B 237 -7.11 2.04 17.55
CA VAL B 237 -6.40 2.63 16.43
C VAL B 237 -5.63 3.86 16.91
N GLN B 238 -4.35 3.93 16.54
CA GLN B 238 -3.48 5.05 16.87
C GLN B 238 -2.96 5.65 15.58
N GLY B 239 -3.11 6.95 15.45
CA GLY B 239 -2.77 7.65 14.24
C GLY B 239 -3.69 8.86 14.06
N ASP B 240 -3.96 9.18 12.80
CA ASP B 240 -4.86 10.29 12.53
C ASP B 240 -6.29 9.96 12.94
N GLY B 241 -6.78 8.78 12.60
CA GLY B 241 -8.11 8.38 13.02
C GLY B 241 -8.63 7.22 12.19
N VAL B 242 -9.96 7.05 12.27
CA VAL B 242 -10.67 5.96 11.61
C VAL B 242 -11.77 6.56 10.75
N ILE B 243 -11.99 5.94 9.58
CA ILE B 243 -12.78 6.57 8.51
C ILE B 243 -13.96 5.68 8.12
N VAL B 244 -14.57 5.02 9.11
CA VAL B 244 -15.68 4.08 8.90
C VAL B 244 -16.67 4.61 7.87
N SER B 245 -16.98 3.80 6.86
CA SER B 245 -17.68 4.27 5.68
C SER B 245 -18.54 3.16 5.09
N THR B 246 -19.48 3.58 4.25
CA THR B 246 -20.33 2.67 3.49
C THR B 246 -19.60 2.21 2.23
N PRO B 247 -20.15 1.21 1.52
CA PRO B 247 -19.57 0.85 0.22
C PRO B 247 -19.58 2.00 -0.77
N THR B 248 -20.58 2.87 -0.71
CA THR B 248 -20.59 4.05 -1.59
C THR B 248 -19.45 5.00 -1.27
N GLY B 249 -19.04 5.06 0.00
CA GLY B 249 -17.90 5.86 0.40
C GLY B 249 -16.56 5.22 0.19
N SER B 250 -16.53 4.00 -0.34
CA SER B 250 -15.26 3.33 -0.61
C SER B 250 -14.44 4.09 -1.64
N THR B 251 -15.10 4.81 -2.54
CA THR B 251 -14.43 5.64 -3.53
C THR B 251 -14.24 7.07 -3.06
N ALA B 252 -14.72 7.40 -1.86
CA ALA B 252 -14.58 8.72 -1.27
C ALA B 252 -13.24 8.80 -0.54
N TYR B 253 -13.08 9.79 0.34
CA TYR B 253 -11.84 9.97 1.10
C TYR B 253 -11.39 8.70 1.81
N ALA B 254 -12.27 7.71 1.96
CA ALA B 254 -11.84 6.41 2.45
C ALA B 254 -10.87 5.75 1.49
N ALA B 255 -10.99 6.02 0.19
CA ALA B 255 -10.07 5.44 -0.78
C ALA B 255 -8.67 6.01 -0.62
N ALA B 256 -8.56 7.30 -0.27
CA ALA B 256 -7.26 7.91 -0.07
C ALA B 256 -6.52 7.32 1.10
N ALA B 257 -7.21 6.65 2.01
CA ALA B 257 -6.61 6.07 3.21
C ALA B 257 -6.11 4.65 2.99
N GLY B 258 -6.20 4.13 1.77
CA GLY B 258 -5.75 2.79 1.48
C GLY B 258 -6.82 1.74 1.42
N ALA B 259 -8.10 2.13 1.47
CA ALA B 259 -9.18 1.15 1.46
C ALA B 259 -9.42 0.61 0.06
N SER B 260 -9.90 -0.63 0.00
CA SER B 260 -10.29 -1.23 -1.26
C SER B 260 -11.60 -0.62 -1.74
N MET B 261 -11.89 -0.84 -3.02
CA MET B 261 -13.05 -0.24 -3.66
C MET B 261 -14.17 -1.27 -3.72
N ILE B 262 -15.25 -0.99 -3.00
CA ILE B 262 -16.35 -1.94 -2.84
C ILE B 262 -17.51 -1.50 -3.72
N HIS B 263 -18.06 -2.44 -4.48
CA HIS B 263 -19.24 -2.16 -5.27
C HIS B 263 -20.43 -1.89 -4.35
N PRO B 264 -21.29 -0.92 -4.70
CA PRO B 264 -22.38 -0.54 -3.79
C PRO B 264 -23.47 -1.59 -3.61
N ASN B 265 -23.37 -2.76 -4.24
CA ASN B 265 -24.31 -3.84 -3.99
C ASN B 265 -23.79 -4.85 -2.99
N VAL B 266 -22.64 -4.62 -2.39
CA VAL B 266 -22.09 -5.49 -1.36
C VAL B 266 -22.57 -4.97 -0.01
N PRO B 267 -23.38 -5.72 0.72
CA PRO B 267 -23.89 -5.23 2.01
C PRO B 267 -22.88 -5.36 3.14
N ALA B 268 -22.00 -4.37 3.29
CA ALA B 268 -20.95 -4.45 4.30
C ALA B 268 -20.59 -3.05 4.79
N ILE B 269 -19.89 -3.00 5.93
CA ILE B 269 -19.41 -1.77 6.54
C ILE B 269 -17.90 -1.84 6.61
N MET B 270 -17.24 -0.78 6.14
CA MET B 270 -15.78 -0.73 6.09
C MET B 270 -15.23 0.02 7.29
N ILE B 271 -14.09 -0.45 7.79
CA ILE B 271 -13.32 0.26 8.81
C ILE B 271 -11.90 0.42 8.29
N THR B 272 -11.47 1.66 8.11
CA THR B 272 -10.16 1.95 7.55
C THR B 272 -9.46 3.00 8.39
N PRO B 273 -8.17 2.81 8.69
CA PRO B 273 -7.42 3.82 9.42
C PRO B 273 -6.98 4.95 8.51
N ILE B 274 -6.63 6.07 9.13
CA ILE B 274 -6.01 7.20 8.44
C ILE B 274 -4.60 7.31 8.98
N CYS B 275 -3.62 6.87 8.19
CA CYS B 275 -2.22 6.84 8.57
C CYS B 275 -2.02 6.15 9.91
N PRO B 276 -2.27 4.84 10.01
CA PRO B 276 -2.07 4.15 11.27
C PRO B 276 -0.60 4.10 11.65
N HIS B 277 -0.34 4.10 12.96
CA HIS B 277 1.03 4.06 13.44
C HIS B 277 1.69 2.73 13.12
N SER B 278 0.97 1.63 13.30
CA SER B 278 1.53 0.31 13.01
C SER B 278 1.64 0.08 11.52
N LEU B 279 2.72 -0.59 11.11
CA LEU B 279 2.92 -0.88 9.69
C LEU B 279 1.91 -1.91 9.20
N SER B 280 1.52 -2.85 10.04
CA SER B 280 0.52 -3.86 9.69
C SER B 280 -0.78 -3.50 10.39
N PHE B 281 -1.62 -2.72 9.72
CA PHE B 281 -3.01 -2.55 10.18
C PHE B 281 -3.82 -2.32 8.90
N ARG B 282 -4.33 -3.41 8.35
CA ARG B 282 -5.04 -3.39 7.08
C ARG B 282 -6.47 -2.93 7.29
N PRO B 283 -7.06 -2.21 6.32
CA PRO B 283 -8.48 -1.90 6.42
C PRO B 283 -9.32 -3.17 6.46
N ILE B 284 -10.37 -3.14 7.26
CA ILE B 284 -11.24 -4.29 7.42
C ILE B 284 -12.64 -3.89 7.02
N VAL B 285 -13.41 -4.88 6.56
CA VAL B 285 -14.82 -4.70 6.23
C VAL B 285 -15.62 -5.77 6.96
N VAL B 286 -16.72 -5.36 7.56
CA VAL B 286 -17.47 -6.20 8.50
C VAL B 286 -18.88 -6.35 7.96
N PRO B 287 -19.64 -7.34 8.44
CA PRO B 287 -21.00 -7.52 7.96
C PRO B 287 -21.86 -6.27 8.22
N ALA B 288 -22.86 -6.09 7.37
CA ALA B 288 -23.65 -4.87 7.40
C ALA B 288 -24.44 -4.73 8.70
N GLY B 289 -24.99 -5.82 9.20
CA GLY B 289 -25.91 -5.75 10.32
C GLY B 289 -25.26 -5.75 11.68
N VAL B 290 -23.98 -5.38 11.73
CA VAL B 290 -23.24 -5.40 12.99
C VAL B 290 -23.38 -4.04 13.66
N GLU B 291 -23.07 -3.99 14.96
CA GLU B 291 -23.21 -2.78 15.76
C GLU B 291 -21.81 -2.28 16.12
N LEU B 292 -21.45 -1.12 15.56
CA LEU B 292 -20.21 -0.44 15.89
C LEU B 292 -20.39 0.46 17.11
N LYS B 293 -19.28 0.70 17.82
CA LYS B 293 -19.29 1.61 18.96
C LYS B 293 -17.86 2.08 19.19
N ILE B 294 -17.61 3.36 18.92
CA ILE B 294 -16.27 3.94 19.01
C ILE B 294 -16.26 4.95 20.15
N MET B 295 -15.26 4.87 21.01
CA MET B 295 -15.16 5.77 22.15
C MET B 295 -13.69 5.93 22.53
N LEU B 296 -13.40 7.06 23.16
CA LEU B 296 -12.01 7.37 23.53
C LEU B 296 -11.51 6.42 24.60
N SER B 297 -10.22 6.10 24.50
CA SER B 297 -9.59 5.26 25.50
C SER B 297 -9.47 6.02 26.82
N PRO B 298 -9.56 5.30 27.96
CA PRO B 298 -9.41 5.98 29.25
C PRO B 298 -8.06 6.67 29.42
N GLU B 299 -7.01 6.14 28.79
CA GLU B 299 -5.69 6.75 28.83
C GLU B 299 -5.54 7.69 27.63
N ALA B 300 -4.45 8.45 27.61
CA ALA B 300 -4.15 9.42 26.54
C ALA B 300 -5.27 10.45 26.41
N ARG B 301 -5.41 11.23 27.48
CA ARG B 301 -6.50 12.20 27.59
C ARG B 301 -6.30 13.37 26.64
N ASN B 302 -6.86 13.26 25.43
CA ASN B 302 -6.92 14.37 24.48
C ASN B 302 -8.13 14.18 23.59
N THR B 303 -8.92 15.24 23.42
CA THR B 303 -10.19 15.12 22.73
C THR B 303 -9.98 14.85 21.24
N ALA B 304 -10.89 14.05 20.69
CA ALA B 304 -10.95 13.78 19.26
C ALA B 304 -12.19 14.44 18.67
N TRP B 305 -12.23 14.50 17.34
CA TRP B 305 -13.32 15.16 16.64
C TRP B 305 -13.95 14.20 15.64
N VAL B 306 -15.25 14.37 15.43
CA VAL B 306 -16.04 13.51 14.56
C VAL B 306 -16.68 14.34 13.47
N SER B 307 -16.64 13.84 12.23
CA SER B 307 -17.25 14.50 11.09
C SER B 307 -18.17 13.52 10.37
N PHE B 308 -19.28 14.06 9.85
CA PHE B 308 -20.28 13.28 9.13
C PHE B 308 -20.38 13.84 7.72
N ASP B 309 -19.62 13.25 6.80
CA ASP B 309 -19.59 13.69 5.40
C ASP B 309 -19.19 15.16 5.28
N GLY B 310 -18.28 15.60 6.14
CA GLY B 310 -17.84 16.97 6.15
C GLY B 310 -18.78 17.94 6.83
N ARG B 311 -19.84 17.45 7.46
CA ARG B 311 -20.80 18.30 8.17
C ARG B 311 -20.26 18.67 9.53
N LYS B 312 -21.13 19.19 10.40
CA LYS B 312 -20.73 19.75 11.69
C LYS B 312 -19.77 18.85 12.44
N ARG B 313 -18.58 19.36 12.72
CA ARG B 313 -17.58 18.61 13.46
C ARG B 313 -17.76 18.82 14.96
N GLN B 314 -18.05 17.73 15.66
CA GLN B 314 -18.23 17.76 17.11
C GLN B 314 -16.96 17.30 17.79
N GLU B 315 -16.88 17.55 19.09
CA GLU B 315 -15.76 17.12 19.92
C GLU B 315 -16.23 16.03 20.86
N ILE B 316 -15.53 14.89 20.86
CA ILE B 316 -15.86 13.78 21.74
C ILE B 316 -14.87 13.77 22.89
N ARG B 317 -15.40 13.70 24.11
CA ARG B 317 -14.61 13.64 25.33
C ARG B 317 -14.62 12.21 25.87
N HIS B 318 -14.10 12.03 27.08
CA HIS B 318 -13.98 10.70 27.67
C HIS B 318 -15.32 10.00 27.87
N GLY B 319 -16.41 10.73 27.98
CA GLY B 319 -17.69 10.12 28.26
C GLY B 319 -18.61 10.01 27.06
N ASP B 320 -18.13 10.43 25.90
CA ASP B 320 -18.94 10.43 24.68
C ASP B 320 -18.72 9.16 23.89
N SER B 321 -19.82 8.59 23.38
CA SER B 321 -19.78 7.37 22.59
C SER B 321 -20.54 7.56 21.29
N ILE B 322 -20.00 6.98 20.22
CA ILE B 322 -20.61 7.04 18.91
C ILE B 322 -20.91 5.61 18.47
N SER B 323 -22.15 5.37 18.02
CA SER B 323 -22.60 4.05 17.63
C SER B 323 -23.03 4.07 16.17
N ILE B 324 -22.56 3.08 15.40
CA ILE B 324 -22.76 3.04 13.96
C ILE B 324 -23.41 1.71 13.59
N THR B 325 -24.56 1.76 12.93
CA THR B 325 -25.22 0.58 12.38
C THR B 325 -25.77 0.93 11.01
N THR B 326 -26.00 -0.10 10.20
CA THR B 326 -26.55 0.12 8.88
C THR B 326 -28.01 0.54 8.96
N SER B 327 -28.35 1.62 8.27
CA SER B 327 -29.70 2.16 8.30
C SER B 327 -30.65 1.30 7.47
N THR B 328 -31.93 1.40 7.81
CA THR B 328 -32.99 0.69 7.10
C THR B 328 -33.63 1.54 6.01
N TYR B 329 -33.11 2.75 5.76
CA TYR B 329 -33.62 3.66 4.75
C TYR B 329 -32.52 3.91 3.73
N PRO B 330 -32.43 3.10 2.69
CA PRO B 330 -31.35 3.28 1.70
C PRO B 330 -31.63 4.46 0.78
N LEU B 331 -30.60 4.83 0.01
CA LEU B 331 -30.70 5.90 -0.97
C LEU B 331 -30.77 5.31 -2.36
N PRO B 332 -31.90 5.34 -3.04
CA PRO B 332 -31.99 4.82 -4.40
C PRO B 332 -31.47 5.82 -5.41
N SER B 333 -30.32 5.52 -6.00
CA SER B 333 -29.73 6.34 -7.07
C SER B 333 -29.95 5.62 -8.40
N ILE B 334 -30.50 6.33 -9.36
CA ILE B 334 -30.89 5.73 -10.63
C ILE B 334 -29.66 5.53 -11.49
N CYS B 335 -29.48 4.31 -11.99
CA CYS B 335 -28.39 4.00 -12.90
C CYS B 335 -28.68 4.55 -14.29
N VAL B 336 -27.62 4.77 -15.05
CA VAL B 336 -27.77 5.24 -16.43
C VAL B 336 -28.03 4.08 -17.39
N ARG B 337 -27.23 3.03 -17.33
CA ARG B 337 -27.46 1.84 -18.14
C ARG B 337 -27.62 0.57 -17.32
N ASP B 338 -26.72 0.30 -16.37
CA ASP B 338 -26.91 -0.80 -15.42
C ASP B 338 -25.96 -0.57 -14.25
N PRO B 339 -26.29 -1.08 -13.06
CA PRO B 339 -25.45 -0.78 -11.88
C PRO B 339 -24.01 -1.25 -12.01
N VAL B 340 -23.76 -2.37 -12.66
CA VAL B 340 -22.42 -2.94 -12.68
C VAL B 340 -21.51 -2.15 -13.61
N SER B 341 -21.93 -1.97 -14.86
CA SER B 341 -21.07 -1.30 -15.83
C SER B 341 -20.90 0.18 -15.49
N ASP B 342 -21.92 0.80 -14.92
CA ASP B 342 -21.82 2.23 -14.59
C ASP B 342 -20.76 2.48 -13.53
N TRP B 343 -20.65 1.58 -12.55
CA TRP B 343 -19.65 1.77 -11.49
C TRP B 343 -18.24 1.67 -12.04
N PHE B 344 -18.00 0.73 -12.94
CA PHE B 344 -16.66 0.58 -13.52
C PHE B 344 -16.32 1.73 -14.45
N GLU B 345 -17.32 2.27 -15.15
CA GLU B 345 -17.07 3.45 -15.97
C GLU B 345 -16.67 4.63 -15.13
N SER B 346 -17.27 4.78 -13.94
CA SER B 346 -16.92 5.88 -13.06
C SER B 346 -15.51 5.75 -12.51
N LEU B 347 -15.03 4.52 -12.32
CA LEU B 347 -13.68 4.32 -11.82
C LEU B 347 -12.63 4.81 -12.82
N ALA B 348 -12.88 4.61 -14.11
CA ALA B 348 -11.89 4.98 -15.12
C ALA B 348 -11.70 6.48 -15.21
N GLN B 349 -12.79 7.25 -15.08
CA GLN B 349 -12.71 8.69 -15.30
C GLN B 349 -12.42 9.47 -14.02
N CYS B 350 -12.90 9.02 -12.86
CA CYS B 350 -12.76 9.82 -11.65
C CYS B 350 -11.37 9.64 -11.02
N LEU B 351 -11.03 8.42 -10.60
CA LEU B 351 -9.75 8.15 -9.98
C LEU B 351 -8.77 7.43 -10.90
N HIS B 352 -9.14 7.24 -12.18
CA HIS B 352 -8.26 6.60 -13.17
C HIS B 352 -7.83 5.21 -12.70
N TRP B 353 -8.81 4.38 -12.38
CA TRP B 353 -8.55 3.02 -11.96
C TRP B 353 -8.01 2.20 -13.13
N ASN B 354 -6.75 1.79 -13.02
CA ASN B 354 -6.04 1.05 -14.08
C ASN B 354 -6.03 1.86 -15.39
N VAL B 355 -5.34 3.00 -15.31
CA VAL B 355 -5.14 3.95 -16.40
C VAL B 355 -6.36 4.07 -17.32
N VAL C 22 32.24 6.85 14.07
CA VAL C 22 33.28 6.48 13.12
C VAL C 22 34.49 7.39 13.29
N ARG C 23 35.49 6.90 14.02
CA ARG C 23 36.73 7.64 14.29
C ARG C 23 36.41 8.99 14.95
N LEU C 24 35.82 8.92 16.13
CA LEU C 24 35.43 10.11 16.87
C LEU C 24 36.63 10.68 17.62
N THR C 25 36.94 11.95 17.37
CA THR C 25 38.04 12.64 18.03
C THR C 25 37.48 13.84 18.77
N TRP C 26 37.80 13.93 20.07
CA TRP C 26 37.31 15.02 20.89
C TRP C 26 38.16 16.27 20.82
N ASN C 27 39.34 16.20 20.21
CA ASN C 27 40.29 17.30 20.14
C ASN C 27 40.73 17.69 21.55
N LYS C 28 39.84 18.27 22.33
CA LYS C 28 40.05 18.54 23.74
C LYS C 28 39.11 17.65 24.55
N SER C 29 39.60 17.13 25.67
CA SER C 29 38.83 16.22 26.51
C SER C 29 37.52 16.88 26.93
N PRO C 30 36.41 16.15 26.92
CA PRO C 30 35.11 16.77 27.22
C PRO C 30 35.07 17.31 28.64
N LYS C 31 34.42 18.47 28.78
CA LYS C 31 34.26 19.12 30.08
C LYS C 31 32.85 19.61 30.34
N SER C 32 32.02 19.80 29.31
CA SER C 32 30.66 20.28 29.47
C SER C 32 29.69 19.22 28.99
N VAL C 33 28.72 18.89 29.83
CA VAL C 33 27.68 17.90 29.52
C VAL C 33 26.32 18.56 29.69
N LEU C 34 25.50 18.52 28.65
CA LEU C 34 24.14 19.05 28.69
C LEU C 34 23.18 17.87 28.72
N VAL C 35 22.44 17.74 29.82
CA VAL C 35 21.52 16.64 30.03
C VAL C 35 20.10 17.14 29.88
N ILE C 36 19.33 16.48 29.00
CA ILE C 36 17.95 16.83 28.75
C ILE C 36 17.08 15.64 29.12
N LYS C 37 16.06 15.88 29.95
CA LYS C 37 15.11 14.85 30.35
C LYS C 37 13.81 15.05 29.59
N LYS C 38 13.08 13.94 29.40
CA LYS C 38 11.80 14.01 28.71
C LYS C 38 10.78 14.86 29.46
N MET C 39 10.95 15.01 30.79
CA MET C 39 10.08 15.80 31.65
C MET C 39 8.68 15.21 31.75
N ARG C 40 7.92 15.65 32.75
CA ARG C 40 6.55 15.19 32.97
C ARG C 40 6.48 13.67 33.08
N ASP C 41 7.46 13.09 33.75
CA ASP C 41 7.52 11.63 33.91
C ASP C 41 8.19 11.31 35.23
N ALA C 42 7.43 10.71 36.15
CA ALA C 42 7.99 10.32 37.43
C ALA C 42 8.99 9.18 37.28
N SER C 43 8.78 8.30 36.31
CA SER C 43 9.66 7.15 36.13
C SER C 43 11.08 7.57 35.78
N LEU C 44 11.27 8.75 35.18
CA LEU C 44 12.59 9.23 34.82
C LEU C 44 13.22 10.11 35.89
N LEU C 45 12.55 10.30 37.02
CA LEU C 45 13.10 11.13 38.09
C LEU C 45 14.30 10.44 38.74
N GLN C 46 14.10 9.23 39.24
CA GLN C 46 15.18 8.51 39.92
C GLN C 46 16.37 8.24 39.02
N PRO C 47 16.22 7.71 37.80
CA PRO C 47 17.41 7.51 36.96
C PRO C 47 18.14 8.79 36.64
N PHE C 48 17.45 9.92 36.58
CA PHE C 48 18.11 11.20 36.37
C PHE C 48 19.06 11.52 37.52
N LYS C 49 18.66 11.19 38.76
CA LYS C 49 19.51 11.47 39.91
C LYS C 49 20.79 10.66 39.86
N GLU C 50 20.71 9.39 39.50
CA GLU C 50 21.89 8.52 39.52
C GLU C 50 22.94 8.98 38.51
N LEU C 51 22.51 9.35 37.30
CA LEU C 51 23.45 9.76 36.28
C LEU C 51 24.15 11.06 36.65
N CYS C 52 23.40 12.04 37.16
CA CYS C 52 23.99 13.34 37.46
C CYS C 52 25.03 13.24 38.56
N THR C 53 24.80 12.36 39.54
CA THR C 53 25.79 12.14 40.58
C THR C 53 27.09 11.59 40.00
N HIS C 54 26.98 10.63 39.08
CA HIS C 54 28.19 10.07 38.47
C HIS C 54 28.87 11.08 37.56
N LEU C 55 28.09 11.83 36.77
CA LEU C 55 28.69 12.84 35.89
C LEU C 55 29.37 13.92 36.70
N MET C 56 28.75 14.35 37.81
CA MET C 56 29.37 15.35 38.67
C MET C 56 30.55 14.79 39.44
N GLU C 57 30.61 13.46 39.61
CA GLU C 57 31.74 12.85 40.31
C GLU C 57 33.05 13.12 39.58
N GLU C 58 33.05 12.98 38.25
CA GLU C 58 34.20 13.34 37.47
C GLU C 58 34.31 14.87 37.36
N ASN C 59 35.53 15.34 37.08
CA ASN C 59 35.79 16.78 36.96
C ASN C 59 35.24 17.27 35.62
N MET C 60 33.90 17.29 35.54
CA MET C 60 33.21 17.66 34.31
C MET C 60 32.05 18.59 34.67
N ILE C 61 32.02 19.76 34.05
CA ILE C 61 30.93 20.71 34.28
C ILE C 61 29.66 20.16 33.65
N VAL C 62 28.56 20.19 34.40
CA VAL C 62 27.29 19.63 33.97
C VAL C 62 26.31 20.77 33.74
N TYR C 63 25.73 20.83 32.54
CA TYR C 63 24.69 21.78 32.20
C TYR C 63 23.36 21.06 32.18
N VAL C 64 22.36 21.65 32.82
CA VAL C 64 21.00 21.14 32.80
C VAL C 64 20.07 22.33 32.54
N GLU C 65 18.97 22.08 31.84
CA GLU C 65 18.02 23.14 31.54
C GLU C 65 17.54 23.79 32.83
N LYS C 66 17.50 25.13 32.83
CA LYS C 66 17.19 25.88 34.04
C LYS C 66 15.80 25.57 34.56
N LYS C 67 14.86 25.22 33.68
CA LYS C 67 13.51 24.89 34.11
C LYS C 67 13.38 23.44 34.58
N VAL C 68 14.39 22.60 34.35
CA VAL C 68 14.34 21.23 34.85
C VAL C 68 14.47 21.21 36.37
N LEU C 69 15.44 21.97 36.91
CA LEU C 69 15.66 22.02 38.35
C LEU C 69 14.74 22.99 39.07
N GLU C 70 13.44 22.92 38.80
CA GLU C 70 12.46 23.71 39.56
C GLU C 70 11.15 22.97 39.75
N ASP C 71 11.07 21.71 39.38
CA ASP C 71 9.84 20.95 39.57
C ASP C 71 9.62 20.69 41.05
N PRO C 72 8.36 20.59 41.51
CA PRO C 72 8.11 20.25 42.91
C PRO C 72 8.68 18.90 43.29
N ALA C 73 8.71 17.93 42.36
CA ALA C 73 9.25 16.61 42.68
C ALA C 73 10.75 16.68 42.98
N ILE C 74 11.51 17.46 42.21
CA ILE C 74 12.94 17.54 42.44
C ILE C 74 13.25 18.48 43.60
N ALA C 75 12.39 19.45 43.87
CA ALA C 75 12.60 20.35 45.00
C ALA C 75 12.23 19.69 46.33
N SER C 76 11.20 18.84 46.34
CA SER C 76 10.77 18.22 47.58
C SER C 76 11.84 17.29 48.15
N ASP C 77 12.50 16.52 47.29
CA ASP C 77 13.51 15.57 47.72
C ASP C 77 14.75 16.35 48.15
N GLU C 78 14.94 16.50 49.46
CA GLU C 78 16.09 17.22 49.98
C GLU C 78 17.38 16.44 49.86
N SER C 79 17.30 15.12 49.68
CA SER C 79 18.52 14.32 49.56
C SER C 79 19.30 14.69 48.30
N PHE C 80 18.60 14.91 47.19
CA PHE C 80 19.27 15.29 45.94
C PHE C 80 19.70 16.74 45.91
N GLY C 81 19.27 17.56 46.88
CA GLY C 81 19.66 18.95 46.90
C GLY C 81 21.14 19.18 47.10
N ALA C 82 21.87 18.15 47.53
CA ALA C 82 23.31 18.29 47.74
C ALA C 82 24.03 18.61 46.43
N VAL C 83 23.66 17.94 45.34
CA VAL C 83 24.32 18.15 44.05
C VAL C 83 23.55 19.09 43.15
N LYS C 84 22.34 19.52 43.53
CA LYS C 84 21.57 20.43 42.70
C LYS C 84 22.30 21.76 42.53
N LYS C 85 22.98 22.23 43.57
CA LYS C 85 23.69 23.49 43.50
C LYS C 85 24.83 23.46 42.49
N LYS C 86 25.37 22.28 42.20
CA LYS C 86 26.53 22.18 41.32
C LYS C 86 26.18 22.18 39.84
N PHE C 87 24.89 22.25 39.49
CA PHE C 87 24.50 22.35 38.09
C PHE C 87 24.85 23.71 37.53
N THR C 88 24.59 23.89 36.24
CA THR C 88 24.84 25.17 35.58
C THR C 88 23.74 25.49 34.57
N GLN C 100 28.78 26.33 23.87
CA GLN C 100 29.57 25.94 25.03
C GLN C 100 29.30 24.50 25.46
N ILE C 101 28.57 23.73 24.65
CA ILE C 101 28.25 22.34 24.97
C ILE C 101 29.17 21.43 24.17
N ASP C 102 29.77 20.45 24.84
CA ASP C 102 30.67 19.51 24.20
C ASP C 102 30.05 18.14 23.96
N PHE C 103 29.06 17.75 24.75
CA PHE C 103 28.47 16.42 24.61
C PHE C 103 27.09 16.45 25.25
N ILE C 104 26.16 15.71 24.65
CA ILE C 104 24.75 15.73 25.02
C ILE C 104 24.32 14.32 25.43
N ILE C 105 23.66 14.22 26.57
CA ILE C 105 23.04 12.98 27.03
C ILE C 105 21.53 13.21 27.11
N CYS C 106 20.76 12.31 26.50
CA CYS C 106 19.32 12.48 26.38
C CYS C 106 18.61 11.31 27.04
N LEU C 107 17.52 11.60 27.75
CA LEU C 107 16.67 10.60 28.36
C LEU C 107 15.27 10.74 27.78
N GLY C 108 14.69 9.62 27.35
CA GLY C 108 13.39 9.61 26.71
C GLY C 108 13.43 8.94 25.35
N GLY C 109 12.24 8.69 24.82
CA GLY C 109 12.12 7.96 23.58
C GLY C 109 11.56 8.77 22.42
N ASP C 110 12.41 9.07 21.43
CA ASP C 110 12.01 9.68 20.17
C ASP C 110 11.39 11.07 20.34
N GLY C 111 11.38 11.59 21.56
CA GLY C 111 10.82 12.90 21.80
C GLY C 111 11.84 13.87 22.37
N THR C 112 12.93 13.32 22.92
CA THR C 112 13.97 14.13 23.53
C THR C 112 15.01 14.58 22.52
N LEU C 113 15.39 13.71 21.58
CA LEU C 113 16.38 14.10 20.58
C LEU C 113 15.85 15.21 19.68
N LEU C 114 14.54 15.22 19.42
CA LEU C 114 13.96 16.33 18.67
C LEU C 114 14.13 17.65 19.41
N TYR C 115 13.91 17.64 20.73
CA TYR C 115 14.13 18.85 21.52
C TYR C 115 15.60 19.21 21.58
N ALA C 116 16.49 18.21 21.56
CA ALA C 116 17.92 18.50 21.57
C ALA C 116 18.34 19.25 20.32
N SER C 117 17.81 18.86 19.16
CA SER C 117 18.13 19.57 17.93
C SER C 117 17.56 20.98 17.92
N SER C 118 16.45 21.20 18.63
CA SER C 118 15.83 22.52 18.65
C SER C 118 16.75 23.55 19.28
N LEU C 119 17.42 23.19 20.37
CA LEU C 119 18.28 24.15 21.06
C LEU C 119 19.58 24.39 20.33
N PHE C 120 19.92 23.57 19.33
CA PHE C 120 21.18 23.67 18.61
C PHE C 120 20.87 23.83 17.12
N GLN C 121 20.75 25.08 16.67
CA GLN C 121 20.58 25.36 15.26
C GLN C 121 21.89 25.34 14.49
N GLY C 122 23.03 25.38 15.18
CA GLY C 122 24.31 25.31 14.54
C GLY C 122 24.92 23.93 14.58
N SER C 123 26.19 23.83 14.94
CA SER C 123 26.87 22.54 15.03
C SER C 123 26.51 21.87 16.35
N VAL C 124 25.60 20.91 16.29
CA VAL C 124 25.16 20.21 17.49
C VAL C 124 26.23 19.18 17.88
N PRO C 125 26.59 19.09 19.16
CA PRO C 125 27.60 18.11 19.58
C PRO C 125 27.04 16.70 19.52
N PRO C 126 27.88 15.68 19.66
CA PRO C 126 27.38 14.30 19.66
C PRO C 126 26.36 14.07 20.77
N VAL C 127 25.33 13.29 20.45
CA VAL C 127 24.21 13.04 21.35
C VAL C 127 24.11 11.55 21.60
N MET C 128 24.06 11.18 22.88
CA MET C 128 23.85 9.79 23.28
C MET C 128 22.51 9.70 23.98
N ALA C 129 21.61 8.89 23.42
CA ALA C 129 20.23 8.82 23.88
C ALA C 129 19.99 7.49 24.58
N PHE C 130 19.39 7.54 25.76
CA PHE C 130 19.07 6.36 26.54
C PHE C 130 17.57 6.12 26.51
N HIS C 131 17.16 4.85 26.43
CA HIS C 131 15.76 4.47 26.44
C HIS C 131 15.47 3.76 27.77
N LEU C 132 14.47 4.26 28.50
CA LEU C 132 14.04 3.67 29.76
C LEU C 132 12.60 3.21 29.58
N GLY C 133 12.42 1.94 29.24
CA GLY C 133 11.11 1.42 28.94
C GLY C 133 10.92 1.18 27.45
N SER C 134 10.18 2.06 26.80
CA SER C 134 10.01 1.97 25.36
C SER C 134 11.32 2.30 24.64
N LEU C 135 11.58 1.57 23.56
CA LEU C 135 12.77 1.75 22.76
C LEU C 135 12.40 2.40 21.43
N GLY C 136 13.14 3.45 21.08
CA GLY C 136 12.87 4.20 19.87
C GLY C 136 13.97 4.06 18.84
N PHE C 137 13.77 4.76 17.72
CA PHE C 137 14.74 4.74 16.63
C PHE C 137 15.93 5.65 16.89
N LEU C 138 15.84 6.53 17.88
CA LEU C 138 16.89 7.48 18.19
C LEU C 138 17.66 7.13 19.45
N THR C 139 17.25 6.08 20.18
CA THR C 139 17.78 5.77 21.50
C THR C 139 18.32 4.35 21.52
N PRO C 140 19.60 4.17 21.17
CA PRO C 140 20.16 2.82 21.15
C PRO C 140 20.63 2.32 22.52
N PHE C 141 21.07 3.22 23.38
CA PHE C 141 21.73 2.83 24.62
C PHE C 141 20.75 2.39 25.69
N SER C 142 21.06 1.27 26.33
CA SER C 142 20.27 0.76 27.45
C SER C 142 20.80 1.34 28.75
N PHE C 143 19.89 1.58 29.69
CA PHE C 143 20.27 2.26 30.92
C PHE C 143 21.04 1.36 31.88
N GLU C 144 20.95 0.04 31.71
CA GLU C 144 21.70 -0.87 32.58
C GLU C 144 23.19 -0.70 32.36
N ASN C 145 23.95 -0.72 33.46
CA ASN C 145 25.40 -0.50 33.43
C ASN C 145 25.75 0.80 32.71
N PHE C 146 25.02 1.86 33.06
CA PHE C 146 25.24 3.14 32.39
C PHE C 146 26.60 3.73 32.73
N GLN C 147 27.15 3.41 33.90
CA GLN C 147 28.46 3.95 34.27
C GLN C 147 29.54 3.49 33.28
N SER C 148 29.54 2.20 32.95
CA SER C 148 30.53 1.69 32.01
C SER C 148 30.35 2.28 30.61
N GLN C 149 29.09 2.39 30.16
CA GLN C 149 28.83 2.88 28.82
C GLN C 149 29.22 4.35 28.68
N VAL C 150 28.91 5.17 29.69
CA VAL C 150 29.24 6.59 29.62
C VAL C 150 30.75 6.81 29.63
N THR C 151 31.47 6.04 30.46
CA THR C 151 32.91 6.19 30.52
C THR C 151 33.57 5.83 29.19
N GLN C 152 33.03 4.83 28.49
CA GLN C 152 33.57 4.47 27.19
C GLN C 152 33.40 5.59 26.17
N VAL C 153 32.24 6.26 26.19
CA VAL C 153 32.02 7.36 25.27
C VAL C 153 32.95 8.53 25.60
N ILE C 154 33.10 8.85 26.88
CA ILE C 154 33.95 9.98 27.27
C ILE C 154 35.40 9.69 26.93
N GLU C 155 35.89 8.50 27.27
CA GLU C 155 37.31 8.18 27.10
C GLU C 155 37.60 7.58 25.73
N GLY C 156 36.95 6.46 25.40
CA GLY C 156 37.21 5.79 24.15
C GLY C 156 36.44 6.40 23.00
N ASN C 157 36.61 5.77 21.83
CA ASN C 157 35.97 6.21 20.61
C ASN C 157 34.76 5.32 20.32
N ALA C 158 33.64 5.94 19.97
CA ALA C 158 32.41 5.24 19.65
C ALA C 158 32.00 5.55 18.20
N ALA C 159 31.04 4.78 17.70
CA ALA C 159 30.54 4.94 16.35
C ALA C 159 29.35 5.89 16.35
N VAL C 160 29.26 6.71 15.31
CA VAL C 160 28.24 7.74 15.22
C VAL C 160 27.54 7.65 13.86
N VAL C 161 26.31 8.17 13.82
CA VAL C 161 25.55 8.32 12.59
C VAL C 161 25.25 9.81 12.42
N LEU C 162 25.74 10.39 11.34
CA LEU C 162 25.54 11.82 11.07
C LEU C 162 24.15 12.01 10.48
N ARG C 163 23.18 12.22 11.36
CA ARG C 163 21.79 12.36 10.94
C ARG C 163 21.62 13.64 10.15
N SER C 164 20.96 13.56 9.00
CA SER C 164 20.74 14.73 8.17
C SER C 164 19.61 15.59 8.74
N ARG C 165 19.69 16.89 8.46
CA ARG C 165 18.68 17.84 8.86
C ARG C 165 18.37 18.78 7.71
N LEU C 166 17.25 19.50 7.83
CA LEU C 166 16.73 20.34 6.76
C LEU C 166 16.72 21.80 7.22
N LYS C 167 17.27 22.68 6.39
CA LYS C 167 17.22 24.12 6.62
C LYS C 167 15.95 24.66 5.98
N VAL C 168 14.91 24.82 6.79
CA VAL C 168 13.60 25.26 6.33
C VAL C 168 13.48 26.76 6.55
N ARG C 169 13.17 27.49 5.48
CA ARG C 169 13.01 28.94 5.53
C ARG C 169 11.62 29.32 5.05
N VAL C 170 10.91 30.09 5.86
CA VAL C 170 9.56 30.54 5.55
C VAL C 170 9.61 32.03 5.27
N VAL C 171 9.13 32.43 4.10
CA VAL C 171 9.15 33.82 3.66
C VAL C 171 7.72 34.31 3.54
N LYS C 172 7.44 35.45 4.16
CA LYS C 172 6.11 36.06 4.15
C LYS C 172 6.05 37.20 3.16
N GLU C 173 4.83 37.62 2.83
CA GLU C 173 4.61 38.71 1.89
C GLU C 173 4.99 40.05 2.50
N ALA C 203 11.62 36.84 7.91
CA ALA C 203 12.13 35.50 7.63
C ALA C 203 12.36 34.72 8.93
N MET C 204 11.90 33.47 8.95
CA MET C 204 12.06 32.60 10.11
C MET C 204 12.68 31.29 9.64
N GLN C 205 13.91 31.03 10.06
CA GLN C 205 14.64 29.84 9.64
C GLN C 205 14.59 28.78 10.72
N TYR C 206 14.41 27.52 10.30
CA TYR C 206 14.30 26.41 11.22
C TYR C 206 15.22 25.27 10.78
N GLN C 207 15.60 24.44 11.75
CA GLN C 207 16.30 23.20 11.49
C GLN C 207 15.41 22.04 11.92
N VAL C 208 15.16 21.11 11.00
CA VAL C 208 14.21 20.01 11.22
C VAL C 208 14.96 18.70 11.08
N LEU C 209 14.80 17.83 12.07
CA LEU C 209 15.46 16.53 12.07
C LEU C 209 14.60 15.43 11.46
N ASN C 210 13.32 15.36 11.84
CA ASN C 210 12.45 14.29 11.35
C ASN C 210 11.67 14.71 10.10
N GLU C 211 10.83 15.73 10.21
CA GLU C 211 9.90 16.00 9.13
C GLU C 211 9.32 17.40 9.27
N VAL C 212 9.05 18.02 8.13
CA VAL C 212 8.21 19.22 8.04
C VAL C 212 6.94 18.83 7.30
N VAL C 213 5.79 19.16 7.88
CA VAL C 213 4.50 18.71 7.39
C VAL C 213 3.67 19.93 7.01
N ILE C 214 3.09 19.89 5.81
CA ILE C 214 2.21 20.95 5.31
C ILE C 214 0.84 20.31 5.11
N ASP C 215 -0.12 20.66 5.96
CA ASP C 215 -1.43 20.04 5.92
C ASP C 215 -2.45 21.02 6.49
N ARG C 216 -3.73 20.68 6.31
CA ARG C 216 -4.79 21.49 6.88
C ARG C 216 -4.78 21.42 8.39
N GLY C 217 -5.17 22.52 9.03
CA GLY C 217 -5.16 22.62 10.47
C GLY C 217 -6.56 22.76 11.04
N PRO C 218 -6.81 23.87 11.73
CA PRO C 218 -8.16 24.12 12.26
C PRO C 218 -9.15 24.43 11.15
N SER C 219 -9.29 23.50 10.21
CA SER C 219 -10.21 23.63 9.09
C SER C 219 -10.42 22.23 8.51
N SER C 220 -11.37 22.12 7.59
CA SER C 220 -11.69 20.83 6.99
C SER C 220 -12.06 21.04 5.53
N TYR C 221 -11.08 20.84 4.66
CA TYR C 221 -11.27 20.89 3.21
C TYR C 221 -10.02 20.27 2.58
N LEU C 222 -10.13 19.95 1.30
CA LEU C 222 -8.98 19.42 0.57
C LEU C 222 -7.90 20.49 0.46
N SER C 223 -6.72 20.09 0.01
CA SER C 223 -5.60 21.01 -0.13
C SER C 223 -5.11 21.00 -1.57
N ASN C 224 -4.76 22.19 -2.07
CA ASN C 224 -4.19 22.34 -3.41
C ASN C 224 -2.94 23.20 -3.25
N VAL C 225 -1.81 22.55 -3.02
CA VAL C 225 -0.53 23.22 -2.78
C VAL C 225 0.48 22.69 -3.79
N ASP C 226 1.29 23.60 -4.33
CA ASP C 226 2.24 23.27 -5.38
C ASP C 226 3.62 23.02 -4.79
N VAL C 227 4.29 21.99 -5.31
CA VAL C 227 5.63 21.61 -4.88
C VAL C 227 6.60 21.93 -6.01
N TYR C 228 7.50 22.88 -5.76
CA TYR C 228 8.52 23.26 -6.73
C TYR C 228 9.84 22.60 -6.35
N LEU C 229 10.55 22.12 -7.36
CA LEU C 229 11.86 21.48 -7.17
C LEU C 229 12.82 22.11 -8.18
N ASP C 230 13.67 23.01 -7.69
CA ASP C 230 14.59 23.78 -8.52
C ASP C 230 13.85 24.58 -9.59
N GLY C 231 12.71 25.16 -9.21
CA GLY C 231 11.93 25.95 -10.13
C GLY C 231 11.27 25.17 -11.24
N HIS C 232 11.10 23.86 -11.05
CA HIS C 232 10.58 22.95 -12.06
C HIS C 232 9.41 22.16 -11.50
N LEU C 233 8.41 22.88 -10.97
CA LEU C 233 7.33 22.32 -10.16
C LEU C 233 6.92 20.94 -10.66
N ILE C 234 6.88 19.99 -9.74
CA ILE C 234 6.80 18.57 -10.07
C ILE C 234 5.38 18.06 -9.94
N THR C 235 4.68 18.44 -8.88
CA THR C 235 3.32 17.97 -8.68
C THR C 235 2.58 18.95 -7.79
N THR C 236 1.25 18.94 -7.94
CA THR C 236 0.34 19.64 -7.04
C THR C 236 -0.34 18.57 -6.20
N VAL C 237 0.10 18.40 -4.97
CA VAL C 237 -0.42 17.35 -4.11
C VAL C 237 -1.80 17.76 -3.59
N GLN C 238 -2.78 16.89 -3.80
CA GLN C 238 -4.15 17.14 -3.39
C GLN C 238 -4.57 16.04 -2.43
N GLY C 239 -5.03 16.44 -1.27
CA GLY C 239 -5.33 15.52 -0.20
C GLY C 239 -5.10 16.20 1.14
N ASP C 240 -4.61 15.41 2.11
CA ASP C 240 -4.36 15.96 3.43
C ASP C 240 -3.11 16.83 3.45
N GLY C 241 -2.02 16.37 2.85
CA GLY C 241 -0.81 17.17 2.85
C GLY C 241 0.40 16.36 2.41
N VAL C 242 1.57 16.82 2.85
CA VAL C 242 2.86 16.27 2.46
C VAL C 242 3.78 16.23 3.68
N ILE C 243 4.67 15.23 3.73
CA ILE C 243 5.49 14.95 4.90
C ILE C 243 6.97 15.01 4.52
N VAL C 244 7.36 16.00 3.73
CA VAL C 244 8.76 16.16 3.34
C VAL C 244 9.65 15.99 4.56
N SER C 245 10.59 15.05 4.48
CA SER C 245 11.27 14.55 5.66
C SER C 245 12.66 14.05 5.32
N THR C 246 13.49 13.90 6.34
CA THR C 246 14.82 13.33 6.23
C THR C 246 14.76 11.82 6.35
N PRO C 247 15.86 11.12 6.04
CA PRO C 247 15.89 9.67 6.28
C PRO C 247 15.65 9.30 7.74
N THR C 248 16.06 10.15 8.68
CA THR C 248 15.81 9.88 10.09
C THR C 248 14.33 9.91 10.42
N GLY C 249 13.53 10.63 9.65
CA GLY C 249 12.09 10.66 9.81
C GLY C 249 11.34 9.61 9.02
N SER C 250 12.05 8.76 8.28
CA SER C 250 11.41 7.68 7.55
C SER C 250 10.83 6.60 8.47
N THR C 251 11.16 6.64 9.75
CA THR C 251 10.59 5.76 10.76
C THR C 251 9.70 6.55 11.71
N ALA C 252 8.94 7.48 11.16
CA ALA C 252 8.13 8.43 11.91
C ALA C 252 6.81 8.59 11.17
N TYR C 253 6.09 9.69 11.46
CA TYR C 253 4.82 9.96 10.80
C TYR C 253 4.91 9.84 9.28
N ALA C 254 6.11 10.01 8.71
CA ALA C 254 6.28 9.76 7.28
C ALA C 254 6.02 8.29 6.95
N ALA C 255 6.44 7.39 7.83
CA ALA C 255 6.22 5.97 7.60
C ALA C 255 4.74 5.61 7.68
N ALA C 256 3.99 6.29 8.53
CA ALA C 256 2.55 6.02 8.65
C ALA C 256 1.79 6.37 7.37
N ALA C 257 2.39 7.15 6.48
CA ALA C 257 1.76 7.53 5.22
C ALA C 257 2.15 6.61 4.07
N GLY C 258 2.86 5.53 4.34
CA GLY C 258 3.26 4.58 3.31
C GLY C 258 4.67 4.76 2.77
N ALA C 259 5.49 5.58 3.41
CA ALA C 259 6.85 5.81 2.94
C ALA C 259 7.75 4.63 3.24
N SER C 260 8.64 4.32 2.29
CA SER C 260 9.65 3.30 2.52
C SER C 260 10.65 3.78 3.56
N MET C 261 11.23 2.83 4.28
CA MET C 261 12.08 3.12 5.42
C MET C 261 13.53 3.23 4.93
N ILE C 262 14.11 4.42 5.09
CA ILE C 262 15.43 4.73 4.55
C ILE C 262 16.45 4.68 5.68
N HIS C 263 17.56 4.01 5.45
CA HIS C 263 18.64 4.00 6.41
C HIS C 263 19.24 5.40 6.54
N PRO C 264 19.61 5.84 7.75
CA PRO C 264 20.05 7.23 7.93
C PRO C 264 21.41 7.55 7.32
N ASN C 265 22.05 6.62 6.61
CA ASN C 265 23.28 6.93 5.90
C ASN C 265 23.04 7.18 4.41
N VAL C 266 21.79 7.22 3.96
CA VAL C 266 21.46 7.53 2.58
C VAL C 266 21.22 9.03 2.48
N PRO C 267 22.03 9.76 1.74
CA PRO C 267 21.85 11.23 1.65
C PRO C 267 20.76 11.63 0.66
N ALA C 268 19.51 11.66 1.11
CA ALA C 268 18.41 12.00 0.23
C ALA C 268 17.28 12.65 1.02
N ILE C 269 16.34 13.26 0.30
CA ILE C 269 15.19 13.95 0.88
C ILE C 269 13.93 13.26 0.35
N MET C 270 13.00 12.96 1.25
CA MET C 270 11.77 12.26 0.92
C MET C 270 10.61 13.23 0.78
N ILE C 271 9.66 12.87 -0.08
CA ILE C 271 8.41 13.60 -0.23
C ILE C 271 7.28 12.57 -0.20
N THR C 272 6.52 12.57 0.90
CA THR C 272 5.48 11.57 1.12
C THR C 272 4.15 12.26 1.36
N PRO C 273 3.12 12.00 0.57
CA PRO C 273 1.81 12.63 0.77
C PRO C 273 1.05 11.97 1.91
N ILE C 274 0.02 12.67 2.37
CA ILE C 274 -0.89 12.16 3.39
C ILE C 274 -2.23 11.94 2.69
N CYS C 275 -2.59 10.67 2.49
CA CYS C 275 -3.86 10.30 1.87
C CYS C 275 -4.07 11.07 0.56
N PRO C 276 -3.25 10.86 -0.46
CA PRO C 276 -3.44 11.58 -1.72
C PRO C 276 -4.76 11.18 -2.39
N HIS C 277 -5.36 12.15 -3.07
CA HIS C 277 -6.62 11.89 -3.74
C HIS C 277 -6.45 10.94 -4.92
N SER C 278 -5.34 11.04 -5.63
CA SER C 278 -5.07 10.18 -6.78
C SER C 278 -4.47 8.87 -6.31
N LEU C 279 -5.03 7.76 -6.80
CA LEU C 279 -4.55 6.44 -6.39
C LEU C 279 -3.12 6.19 -6.82
N SER C 280 -2.73 6.65 -8.01
CA SER C 280 -1.38 6.45 -8.53
C SER C 280 -0.55 7.69 -8.20
N PHE C 281 -0.21 7.82 -6.92
CA PHE C 281 0.70 8.88 -6.47
C PHE C 281 1.43 8.35 -5.24
N ARG C 282 2.72 8.10 -5.38
CA ARG C 282 3.49 7.37 -4.40
C ARG C 282 4.61 8.24 -3.87
N PRO C 283 5.12 7.95 -2.67
CA PRO C 283 6.22 8.75 -2.13
C PRO C 283 7.44 8.69 -3.03
N ILE C 284 8.12 9.82 -3.16
CA ILE C 284 9.34 9.91 -3.94
C ILE C 284 10.46 10.37 -3.03
N VAL C 285 11.69 10.07 -3.41
CA VAL C 285 12.87 10.53 -2.71
C VAL C 285 13.81 11.17 -3.73
N VAL C 286 14.37 12.31 -3.37
CA VAL C 286 15.11 13.16 -4.30
C VAL C 286 16.53 13.33 -3.75
N PRO C 287 17.47 13.75 -4.58
CA PRO C 287 18.85 13.94 -4.09
C PRO C 287 18.89 14.96 -2.97
N ALA C 288 19.87 14.77 -2.07
CA ALA C 288 19.95 15.61 -0.87
C ALA C 288 20.18 17.07 -1.21
N GLY C 289 21.07 17.36 -2.16
CA GLY C 289 21.46 18.72 -2.46
C GLY C 289 20.47 19.53 -3.28
N VAL C 290 19.20 19.19 -3.25
CA VAL C 290 18.20 19.90 -4.04
C VAL C 290 17.53 20.95 -3.17
N GLU C 291 17.01 21.99 -3.81
CA GLU C 291 16.26 23.04 -3.12
C GLU C 291 14.78 22.88 -3.44
N LEU C 292 14.00 22.49 -2.43
CA LEU C 292 12.56 22.37 -2.56
C LEU C 292 11.89 23.67 -2.20
N LYS C 293 10.70 23.88 -2.75
CA LYS C 293 9.93 25.10 -2.53
C LYS C 293 8.45 24.74 -2.64
N ILE C 294 7.71 24.91 -1.55
CA ILE C 294 6.30 24.56 -1.48
C ILE C 294 5.50 25.82 -1.22
N MET C 295 4.46 26.04 -2.01
CA MET C 295 3.63 27.22 -1.88
C MET C 295 2.22 26.90 -2.37
N LEU C 296 1.24 27.61 -1.80
CA LEU C 296 -0.15 27.35 -2.16
C LEU C 296 -0.41 27.71 -3.61
N SER C 297 -1.16 26.84 -4.29
CA SER C 297 -1.52 27.12 -5.67
C SER C 297 -2.43 28.32 -5.75
N PRO C 298 -2.26 29.20 -6.74
CA PRO C 298 -3.08 30.42 -6.79
C PRO C 298 -4.56 30.15 -6.91
N GLU C 299 -4.97 29.10 -7.62
CA GLU C 299 -6.37 28.74 -7.75
C GLU C 299 -6.68 27.67 -6.70
N ALA C 300 -6.88 28.13 -5.47
CA ALA C 300 -7.15 27.24 -4.35
C ALA C 300 -7.71 28.06 -3.20
N ARG C 301 -8.86 27.64 -2.68
CA ARG C 301 -9.47 28.31 -1.54
C ARG C 301 -8.82 27.85 -0.24
N ASN C 302 -9.10 28.58 0.83
CA ASN C 302 -8.60 28.28 2.17
C ASN C 302 -7.07 28.30 2.22
N THR C 303 -6.51 27.90 3.34
CA THR C 303 -5.07 27.96 3.56
C THR C 303 -4.60 26.67 4.22
N ALA C 304 -3.29 26.49 4.27
CA ALA C 304 -2.67 25.32 4.85
C ALA C 304 -1.80 25.72 6.04
N TRP C 305 -1.47 24.73 6.86
CA TRP C 305 -0.67 24.94 8.06
C TRP C 305 0.59 24.08 7.98
N VAL C 306 1.67 24.61 8.54
CA VAL C 306 2.98 23.96 8.50
C VAL C 306 3.42 23.63 9.91
N SER C 307 3.97 22.44 10.10
CA SER C 307 4.50 21.99 11.38
C SER C 307 5.95 21.55 11.21
N PHE C 308 6.74 21.75 12.27
CA PHE C 308 8.15 21.41 12.27
C PHE C 308 8.43 20.47 13.43
N ASP C 309 8.38 19.16 13.15
CA ASP C 309 8.63 18.14 14.17
C ASP C 309 7.67 18.26 15.34
N GLY C 310 6.40 18.53 15.05
CA GLY C 310 5.42 18.71 16.09
C GLY C 310 5.66 19.94 16.95
N ARG C 311 6.12 21.02 16.35
CA ARG C 311 6.35 22.29 17.02
C ARG C 311 5.44 23.34 16.40
N LYS C 312 5.70 24.61 16.75
CA LYS C 312 4.87 25.75 16.39
C LYS C 312 4.31 25.64 14.98
N ARG C 313 2.99 25.81 14.87
CA ARG C 313 2.28 25.79 13.61
C ARG C 313 1.90 27.21 13.22
N GLN C 314 2.14 27.54 11.95
CA GLN C 314 1.81 28.86 11.43
C GLN C 314 1.13 28.70 10.08
N GLU C 315 0.04 29.42 9.88
CA GLU C 315 -0.71 29.30 8.65
C GLU C 315 0.06 29.96 7.51
N ILE C 316 0.03 29.32 6.34
CA ILE C 316 0.65 29.86 5.14
C ILE C 316 -0.48 30.20 4.16
N ARG C 317 -0.49 31.46 3.72
CA ARG C 317 -1.49 31.96 2.78
C ARG C 317 -0.87 32.07 1.39
N HIS C 318 -1.59 32.72 0.48
CA HIS C 318 -1.18 32.73 -0.92
C HIS C 318 0.22 33.29 -1.12
N GLY C 319 0.59 34.32 -0.36
CA GLY C 319 1.88 34.95 -0.55
C GLY C 319 3.04 34.31 0.17
N ASP C 320 2.79 33.26 0.94
CA ASP C 320 3.85 32.63 1.75
C ASP C 320 4.43 31.43 1.01
N SER C 321 5.75 31.28 1.10
CA SER C 321 6.45 30.18 0.49
C SER C 321 7.43 29.58 1.50
N ILE C 322 7.61 28.26 1.42
CA ILE C 322 8.51 27.53 2.30
C ILE C 322 9.57 26.85 1.46
N SER C 323 10.83 27.02 1.83
CA SER C 323 11.96 26.47 1.10
C SER C 323 12.69 25.46 1.98
N ILE C 324 13.01 24.30 1.41
CA ILE C 324 13.59 23.19 2.13
C ILE C 324 14.89 22.78 1.45
N THR C 325 15.95 22.63 2.24
CA THR C 325 17.26 22.27 1.75
C THR C 325 18.00 21.51 2.84
N THR C 326 18.80 20.52 2.44
CA THR C 326 19.55 19.74 3.41
C THR C 326 20.55 20.63 4.15
N SER C 327 20.56 20.51 5.47
CA SER C 327 21.41 21.35 6.29
C SER C 327 22.87 20.93 6.19
N THR C 328 23.76 21.87 6.48
CA THR C 328 25.19 21.61 6.57
C THR C 328 25.64 21.26 7.97
N TYR C 329 24.70 21.18 8.92
CA TYR C 329 25.00 20.87 10.32
C TYR C 329 24.24 19.61 10.71
N PRO C 330 24.85 18.44 10.52
CA PRO C 330 24.15 17.19 10.86
C PRO C 330 24.10 16.96 12.36
N LEU C 331 23.29 15.98 12.75
CA LEU C 331 23.14 15.61 14.15
C LEU C 331 23.85 14.29 14.39
N PRO C 332 25.00 14.27 15.08
CA PRO C 332 25.69 13.01 15.32
C PRO C 332 25.09 12.28 16.52
N SER C 333 24.60 11.07 16.27
CA SER C 333 24.02 10.21 17.30
C SER C 333 24.89 8.97 17.44
N ILE C 334 25.27 8.66 18.68
CA ILE C 334 26.17 7.55 18.96
C ILE C 334 25.38 6.25 18.98
N CYS C 335 25.92 5.20 18.35
CA CYS C 335 25.29 3.89 18.36
C CYS C 335 26.06 2.93 19.26
N VAL C 336 25.33 1.96 19.80
CA VAL C 336 25.90 1.01 20.75
C VAL C 336 26.84 0.02 20.08
N ARG C 337 26.45 -0.52 18.92
CA ARG C 337 27.28 -1.51 18.24
C ARG C 337 27.80 -1.00 16.90
N ASP C 338 26.92 -0.58 15.99
CA ASP C 338 27.32 -0.13 14.68
C ASP C 338 26.18 0.66 14.07
N PRO C 339 26.44 1.49 13.05
CA PRO C 339 25.35 2.25 12.43
C PRO C 339 24.29 1.38 11.78
N VAL C 340 24.63 0.15 11.40
CA VAL C 340 23.73 -0.67 10.59
C VAL C 340 22.85 -1.55 11.46
N SER C 341 23.46 -2.48 12.20
CA SER C 341 22.68 -3.46 12.96
C SER C 341 21.85 -2.80 14.05
N ASP C 342 22.24 -1.62 14.52
CA ASP C 342 21.41 -0.89 15.47
C ASP C 342 20.09 -0.48 14.82
N TRP C 343 20.14 -0.04 13.56
CA TRP C 343 18.92 0.39 12.88
C TRP C 343 17.98 -0.77 12.62
N PHE C 344 18.52 -1.92 12.20
CA PHE C 344 17.67 -3.07 11.92
C PHE C 344 17.06 -3.63 13.20
N GLU C 345 17.83 -3.62 14.29
CA GLU C 345 17.28 -4.03 15.58
C GLU C 345 16.16 -3.09 16.02
N SER C 346 16.31 -1.79 15.73
CA SER C 346 15.28 -0.83 16.09
C SER C 346 14.00 -1.08 15.31
N LEU C 347 14.13 -1.49 14.04
CA LEU C 347 12.95 -1.73 13.21
C LEU C 347 12.10 -2.86 13.78
N ALA C 348 12.75 -3.95 14.20
CA ALA C 348 12.01 -5.11 14.68
C ALA C 348 11.43 -4.86 16.06
N GLN C 349 12.22 -4.27 16.96
CA GLN C 349 11.79 -4.14 18.35
C GLN C 349 10.73 -3.06 18.52
N CYS C 350 10.77 -2.00 17.70
CA CYS C 350 9.85 -0.88 17.85
C CYS C 350 8.73 -0.89 16.81
N LEU C 351 9.07 -0.93 15.53
CA LEU C 351 8.09 -0.83 14.46
C LEU C 351 7.60 -2.18 13.94
N HIS C 352 8.18 -3.29 14.42
CA HIS C 352 7.80 -4.63 14.00
C HIS C 352 7.95 -4.80 12.49
N TRP C 353 9.20 -4.66 12.02
CA TRP C 353 9.46 -4.75 10.60
C TRP C 353 9.42 -6.19 10.09
N ASN C 354 9.66 -7.17 10.97
CA ASN C 354 9.70 -8.57 10.56
C ASN C 354 8.47 -9.36 10.98
N VAL C 355 8.05 -9.24 12.24
CA VAL C 355 6.90 -9.98 12.73
C VAL C 355 5.61 -9.38 12.18
N SER D 21 26.47 19.05 -11.67
CA SER D 21 26.01 18.35 -12.86
C SER D 21 27.12 18.23 -13.89
N VAL D 22 27.78 17.07 -13.90
CA VAL D 22 28.86 16.83 -14.87
C VAL D 22 28.27 16.78 -16.27
N ARG D 23 28.94 17.45 -17.21
CA ARG D 23 28.43 17.57 -18.57
C ARG D 23 28.98 16.50 -19.51
N LEU D 24 30.29 16.49 -19.74
CA LEU D 24 30.84 15.63 -20.77
C LEU D 24 32.36 15.75 -20.75
N THR D 25 33.04 14.69 -21.20
CA THR D 25 34.49 14.71 -21.35
C THR D 25 34.85 13.68 -22.42
N TRP D 26 35.13 14.14 -23.64
CA TRP D 26 35.47 13.25 -24.74
C TRP D 26 36.96 12.96 -24.85
N ASN D 27 37.81 13.88 -24.39
CA ASN D 27 39.26 13.77 -24.55
C ASN D 27 39.61 13.80 -26.03
N LYS D 28 39.30 12.73 -26.74
CA LYS D 28 39.45 12.65 -28.18
C LYS D 28 38.06 12.62 -28.81
N SER D 29 37.90 13.31 -29.95
CA SER D 29 36.62 13.42 -30.62
C SER D 29 36.08 12.03 -30.95
N PRO D 30 34.77 11.80 -30.81
CA PRO D 30 34.23 10.45 -31.02
C PRO D 30 34.45 9.97 -32.44
N LYS D 31 34.74 8.67 -32.56
CA LYS D 31 34.92 8.03 -33.86
C LYS D 31 34.21 6.70 -34.01
N SER D 32 33.81 6.05 -32.91
CA SER D 32 33.14 4.76 -32.95
C SER D 32 31.76 4.89 -32.33
N VAL D 33 30.74 4.40 -33.02
CA VAL D 33 29.37 4.43 -32.55
C VAL D 33 28.81 3.02 -32.61
N LEU D 34 28.26 2.54 -31.50
CA LEU D 34 27.60 1.24 -31.45
C LEU D 34 26.10 1.48 -31.35
N VAL D 35 25.36 1.00 -32.35
CA VAL D 35 23.92 1.21 -32.44
C VAL D 35 23.22 -0.12 -32.22
N ILE D 36 22.30 -0.14 -31.25
CA ILE D 36 21.54 -1.33 -30.91
C ILE D 36 20.07 -1.02 -31.16
N LYS D 37 19.41 -1.88 -31.94
CA LYS D 37 17.99 -1.76 -32.21
C LYS D 37 17.22 -2.73 -31.33
N LYS D 38 15.98 -2.36 -30.98
CA LYS D 38 15.16 -3.21 -30.14
C LYS D 38 14.83 -4.54 -30.81
N MET D 39 14.94 -4.62 -32.14
CA MET D 39 14.70 -5.83 -32.92
C MET D 39 13.24 -6.26 -32.87
N ARG D 40 12.86 -7.17 -33.79
CA ARG D 40 11.51 -7.72 -33.85
C ARG D 40 10.46 -6.62 -33.95
N ASP D 41 10.76 -5.59 -34.74
CA ASP D 41 9.83 -4.47 -34.92
C ASP D 41 10.09 -3.86 -36.29
N ALA D 42 9.12 -4.01 -37.20
CA ALA D 42 9.27 -3.42 -38.53
C ALA D 42 9.21 -1.90 -38.49
N SER D 43 8.51 -1.33 -37.50
CA SER D 43 8.41 0.12 -37.38
C SER D 43 9.75 0.77 -37.12
N LEU D 44 10.73 0.01 -36.65
CA LEU D 44 12.06 0.54 -36.33
C LEU D 44 13.04 0.41 -37.49
N LEU D 45 12.59 -0.06 -38.66
CA LEU D 45 13.51 -0.27 -39.77
C LEU D 45 13.90 1.05 -40.43
N GLN D 46 12.92 1.80 -40.92
CA GLN D 46 13.21 3.04 -41.63
C GLN D 46 13.94 4.07 -40.79
N PRO D 47 13.52 4.35 -39.54
CA PRO D 47 14.33 5.27 -38.71
C PRO D 47 15.75 4.78 -38.47
N PHE D 48 15.93 3.48 -38.31
CA PHE D 48 17.28 2.93 -38.17
C PHE D 48 18.10 3.17 -39.42
N LYS D 49 17.48 3.00 -40.59
CA LYS D 49 18.18 3.27 -41.85
C LYS D 49 18.57 4.74 -41.96
N GLU D 50 17.65 5.64 -41.60
CA GLU D 50 17.96 7.06 -41.67
C GLU D 50 19.10 7.43 -40.73
N LEU D 51 19.06 6.93 -39.50
CA LEU D 51 20.11 7.22 -38.54
C LEU D 51 21.45 6.67 -39.01
N CYS D 52 21.45 5.44 -39.55
CA CYS D 52 22.70 4.86 -40.01
C CYS D 52 23.27 5.64 -41.19
N THR D 53 22.41 6.07 -42.12
CA THR D 53 22.89 6.88 -43.23
C THR D 53 23.47 8.19 -42.74
N HIS D 54 22.80 8.85 -41.78
CA HIS D 54 23.33 10.11 -41.25
C HIS D 54 24.66 9.90 -40.56
N LEU D 55 24.79 8.84 -39.76
CA LEU D 55 26.04 8.59 -39.06
C LEU D 55 27.15 8.26 -40.04
N MET D 56 26.84 7.52 -41.10
CA MET D 56 27.86 7.19 -42.10
C MET D 56 28.21 8.39 -42.97
N GLU D 57 27.33 9.39 -43.04
CA GLU D 57 27.66 10.61 -43.77
C GLU D 57 28.87 11.30 -43.15
N GLU D 58 28.92 11.38 -41.83
CA GLU D 58 30.10 11.89 -41.15
C GLU D 58 31.19 10.83 -41.11
N ASN D 59 32.43 11.29 -40.93
CA ASN D 59 33.59 10.41 -40.92
C ASN D 59 33.73 9.72 -39.56
N MET D 60 32.72 8.91 -39.24
CA MET D 60 32.65 8.21 -37.97
C MET D 60 32.44 6.73 -38.23
N ILE D 61 33.27 5.89 -37.61
CA ILE D 61 33.13 4.45 -37.76
C ILE D 61 31.89 3.98 -37.01
N VAL D 62 31.06 3.19 -37.68
CA VAL D 62 29.78 2.74 -37.13
C VAL D 62 29.89 1.25 -36.82
N TYR D 63 29.65 0.90 -35.57
CA TYR D 63 29.54 -0.48 -35.14
C TYR D 63 28.07 -0.82 -34.96
N VAL D 64 27.64 -1.93 -35.54
CA VAL D 64 26.29 -2.44 -35.36
C VAL D 64 26.40 -3.91 -35.01
N GLU D 65 25.45 -4.41 -34.23
CA GLU D 65 25.50 -5.80 -33.80
C GLU D 65 25.57 -6.72 -35.01
N LYS D 66 26.43 -7.74 -34.91
CA LYS D 66 26.71 -8.60 -36.04
C LYS D 66 25.47 -9.31 -36.55
N LYS D 67 24.64 -9.81 -35.64
CA LYS D 67 23.44 -10.53 -36.05
C LYS D 67 22.30 -9.61 -36.47
N VAL D 68 22.44 -8.29 -36.28
CA VAL D 68 21.41 -7.38 -36.74
C VAL D 68 21.42 -7.28 -38.26
N LEU D 69 22.60 -7.20 -38.86
CA LEU D 69 22.74 -7.07 -40.32
C LEU D 69 22.65 -8.42 -41.02
N GLU D 70 21.65 -9.22 -40.67
CA GLU D 70 21.39 -10.47 -41.39
C GLU D 70 19.90 -10.81 -41.39
N ASP D 71 19.04 -9.89 -40.97
CA ASP D 71 17.61 -10.16 -40.95
C ASP D 71 17.08 -10.24 -42.38
N PRO D 72 16.01 -11.00 -42.62
CA PRO D 72 15.43 -11.00 -43.98
C PRO D 72 14.96 -9.63 -44.41
N ALA D 73 14.45 -8.82 -43.48
CA ALA D 73 14.02 -7.47 -43.83
C ALA D 73 15.20 -6.60 -44.25
N ILE D 74 16.34 -6.73 -43.57
CA ILE D 74 17.50 -5.91 -43.90
C ILE D 74 18.25 -6.47 -45.11
N ALA D 75 18.05 -7.75 -45.43
CA ALA D 75 18.74 -8.34 -46.57
C ALA D 75 17.94 -8.14 -47.86
N SER D 76 16.61 -8.20 -47.78
CA SER D 76 15.78 -8.06 -48.97
C SER D 76 15.91 -6.67 -49.58
N ASP D 77 15.96 -5.64 -48.75
CA ASP D 77 16.07 -4.26 -49.22
C ASP D 77 17.47 -4.03 -49.76
N GLU D 78 17.63 -4.12 -51.07
CA GLU D 78 18.93 -3.94 -51.71
C GLU D 78 19.36 -2.48 -51.73
N SER D 79 18.44 -1.55 -51.53
CA SER D 79 18.81 -0.13 -51.51
C SER D 79 19.76 0.16 -50.34
N PHE D 80 19.47 -0.43 -49.17
CA PHE D 80 20.34 -0.24 -48.01
C PHE D 80 21.67 -0.95 -48.14
N GLY D 81 21.83 -1.80 -49.15
CA GLY D 81 23.11 -2.46 -49.36
C GLY D 81 24.25 -1.52 -49.68
N ALA D 82 23.93 -0.28 -50.08
CA ALA D 82 24.97 0.70 -50.34
C ALA D 82 25.76 1.01 -49.07
N VAL D 83 25.07 1.12 -47.94
CA VAL D 83 25.73 1.39 -46.66
C VAL D 83 25.89 0.15 -45.80
N LYS D 84 25.23 -0.96 -46.16
CA LYS D 84 25.38 -2.18 -45.38
C LYS D 84 26.83 -2.64 -45.29
N LYS D 85 27.60 -2.39 -46.35
CA LYS D 85 28.99 -2.86 -46.38
C LYS D 85 29.88 -2.09 -45.42
N LYS D 86 29.48 -0.89 -45.01
CA LYS D 86 30.35 -0.03 -44.23
C LYS D 86 30.20 -0.22 -42.72
N PHE D 87 29.49 -1.26 -42.27
CA PHE D 87 29.37 -1.54 -40.86
C PHE D 87 30.64 -2.21 -40.34
N THR D 88 30.59 -2.67 -39.09
CA THR D 88 31.71 -3.38 -38.49
C THR D 88 31.24 -4.32 -37.39
N ASN D 99 35.54 -2.35 -25.60
CA ASN D 99 36.76 -1.59 -25.34
C ASN D 99 37.11 -0.70 -26.54
N GLN D 100 36.34 -0.83 -27.61
CA GLN D 100 36.54 -0.05 -28.82
C GLN D 100 35.35 0.83 -29.17
N ILE D 101 34.38 0.95 -28.26
CA ILE D 101 33.20 1.78 -28.48
C ILE D 101 33.33 3.05 -27.67
N ASP D 102 33.07 4.19 -28.31
CA ASP D 102 33.15 5.49 -27.65
C ASP D 102 31.79 6.07 -27.29
N PHE D 103 30.73 5.70 -28.00
CA PHE D 103 29.42 6.26 -27.76
C PHE D 103 28.36 5.29 -28.26
N ILE D 104 27.25 5.22 -27.53
CA ILE D 104 26.19 4.25 -27.79
C ILE D 104 24.91 4.99 -28.12
N ILE D 105 24.26 4.59 -29.21
CA ILE D 105 22.93 5.07 -29.58
C ILE D 105 21.97 3.88 -29.49
N CYS D 106 20.86 4.05 -28.79
CA CYS D 106 19.95 2.97 -28.49
C CYS D 106 18.58 3.28 -29.08
N LEU D 107 17.95 2.26 -29.67
CA LEU D 107 16.59 2.35 -30.19
C LEU D 107 15.73 1.32 -29.48
N GLY D 108 14.60 1.76 -28.94
CA GLY D 108 13.70 0.89 -28.20
C GLY D 108 13.38 1.45 -26.83
N GLY D 109 12.47 0.75 -26.16
CA GLY D 109 12.00 1.20 -24.86
C GLY D 109 12.37 0.32 -23.68
N ASP D 110 13.28 0.80 -22.84
CA ASP D 110 13.58 0.22 -21.53
C ASP D 110 14.16 -1.19 -21.60
N GLY D 111 14.35 -1.72 -22.81
CA GLY D 111 14.95 -3.03 -22.96
C GLY D 111 16.28 -2.93 -23.68
N THR D 112 16.38 -1.94 -24.55
CA THR D 112 17.61 -1.75 -25.31
C THR D 112 18.76 -1.36 -24.41
N LEU D 113 18.50 -0.53 -23.39
CA LEU D 113 19.57 -0.18 -22.46
C LEU D 113 19.94 -1.36 -21.57
N LEU D 114 18.98 -2.22 -21.24
CA LEU D 114 19.33 -3.45 -20.54
C LEU D 114 20.25 -4.32 -21.39
N TYR D 115 19.96 -4.45 -22.68
CA TYR D 115 20.83 -5.21 -23.55
C TYR D 115 22.21 -4.57 -23.65
N ALA D 116 22.26 -3.23 -23.74
CA ALA D 116 23.54 -2.53 -23.82
C ALA D 116 24.37 -2.73 -22.57
N SER D 117 23.73 -2.66 -21.40
CA SER D 117 24.44 -2.90 -20.14
C SER D 117 24.93 -4.33 -20.06
N SER D 118 24.12 -5.28 -20.53
CA SER D 118 24.55 -6.67 -20.56
C SER D 118 25.78 -6.85 -21.45
N LEU D 119 25.81 -6.15 -22.58
CA LEU D 119 26.92 -6.30 -23.52
C LEU D 119 28.18 -5.61 -23.02
N PHE D 120 28.06 -4.65 -22.11
CA PHE D 120 29.21 -3.90 -21.58
C PHE D 120 29.30 -4.15 -20.07
N GLN D 121 30.16 -5.09 -19.68
CA GLN D 121 30.39 -5.38 -18.26
C GLN D 121 31.43 -4.46 -17.64
N GLY D 122 32.16 -3.69 -18.44
CA GLY D 122 33.16 -2.78 -17.92
C GLY D 122 32.70 -1.34 -17.91
N SER D 123 33.57 -0.42 -18.31
CA SER D 123 33.25 1.00 -18.35
C SER D 123 32.42 1.27 -19.60
N VAL D 124 31.10 1.27 -19.44
CA VAL D 124 30.21 1.48 -20.59
C VAL D 124 30.30 2.94 -21.04
N PRO D 125 30.37 3.22 -22.33
CA PRO D 125 30.42 4.61 -22.79
C PRO D 125 29.07 5.29 -22.64
N PRO D 126 28.98 6.59 -22.89
CA PRO D 126 27.69 7.27 -22.80
C PRO D 126 26.66 6.65 -23.73
N VAL D 127 25.43 6.56 -23.25
CA VAL D 127 24.34 5.91 -23.96
C VAL D 127 23.22 6.93 -24.17
N MET D 128 22.80 7.10 -25.42
CA MET D 128 21.68 7.96 -25.77
C MET D 128 20.56 7.10 -26.33
N ALA D 129 19.37 7.24 -25.77
CA ALA D 129 18.23 6.41 -26.12
C ALA D 129 17.14 7.24 -26.77
N PHE D 130 16.53 6.69 -27.81
CA PHE D 130 15.44 7.33 -28.52
C PHE D 130 14.17 6.50 -28.33
N HIS D 131 13.06 7.17 -28.05
CA HIS D 131 11.77 6.50 -27.86
C HIS D 131 10.95 6.71 -29.13
N LEU D 132 10.69 5.61 -29.84
CA LEU D 132 9.90 5.66 -31.07
C LEU D 132 8.49 5.16 -30.75
N GLY D 133 7.67 6.09 -30.27
CA GLY D 133 6.33 5.74 -29.81
C GLY D 133 6.22 5.76 -28.30
N SER D 134 6.22 4.59 -27.67
CA SER D 134 6.16 4.51 -26.23
C SER D 134 7.42 5.12 -25.61
N LEU D 135 7.23 5.87 -24.53
CA LEU D 135 8.31 6.55 -23.84
C LEU D 135 8.58 5.84 -22.52
N GLY D 136 9.85 5.54 -22.24
CA GLY D 136 10.23 4.88 -21.03
C GLY D 136 10.99 5.79 -20.08
N PHE D 137 11.54 5.19 -19.02
CA PHE D 137 12.30 5.93 -18.03
C PHE D 137 13.74 6.17 -18.43
N LEU D 138 14.23 5.45 -19.44
CA LEU D 138 15.61 5.54 -19.86
C LEU D 138 15.77 6.06 -21.28
N THR D 139 14.68 6.55 -21.90
CA THR D 139 14.69 6.99 -23.29
C THR D 139 14.17 8.42 -23.35
N PRO D 140 15.04 9.39 -23.06
CA PRO D 140 14.57 10.80 -22.99
C PRO D 140 14.43 11.48 -24.34
N PHE D 141 15.29 11.15 -25.30
CA PHE D 141 15.35 11.89 -26.54
C PHE D 141 14.24 11.47 -27.49
N SER D 142 13.63 12.46 -28.15
CA SER D 142 12.61 12.22 -29.17
C SER D 142 13.26 12.14 -30.54
N PHE D 143 12.63 11.39 -31.44
CA PHE D 143 13.23 11.14 -32.75
C PHE D 143 13.06 12.30 -33.72
N GLU D 144 12.15 13.23 -33.43
CA GLU D 144 11.98 14.38 -34.31
C GLU D 144 13.24 15.26 -34.26
N ASN D 145 13.66 15.72 -35.44
CA ASN D 145 14.89 16.52 -35.59
C ASN D 145 16.07 15.79 -34.97
N PHE D 146 16.19 14.49 -35.31
CA PHE D 146 17.24 13.68 -34.71
C PHE D 146 18.63 14.13 -35.15
N GLN D 147 18.76 14.67 -36.36
CA GLN D 147 20.08 15.09 -36.83
C GLN D 147 20.66 16.17 -35.93
N SER D 148 19.85 17.18 -35.58
CA SER D 148 20.34 18.27 -34.75
C SER D 148 20.73 17.76 -33.36
N GLN D 149 19.93 16.87 -32.79
CA GLN D 149 20.23 16.33 -31.47
C GLN D 149 21.51 15.51 -31.49
N VAL D 150 21.70 14.69 -32.52
CA VAL D 150 22.91 13.88 -32.62
C VAL D 150 24.13 14.78 -32.80
N THR D 151 24.02 15.81 -33.63
CA THR D 151 25.14 16.73 -33.80
C THR D 151 25.47 17.46 -32.51
N GLN D 152 24.45 17.86 -31.75
CA GLN D 152 24.68 18.52 -30.48
C GLN D 152 25.36 17.58 -29.49
N VAL D 153 24.94 16.31 -29.46
CA VAL D 153 25.56 15.35 -28.54
C VAL D 153 27.01 15.10 -28.92
N ILE D 154 27.28 14.93 -30.22
CA ILE D 154 28.65 14.68 -30.66
C ILE D 154 29.54 15.89 -30.43
N GLU D 155 29.07 17.07 -30.83
CA GLU D 155 29.91 18.26 -30.77
C GLU D 155 29.81 18.95 -29.41
N GLY D 156 28.60 19.35 -29.02
CA GLY D 156 28.40 20.06 -27.78
C GLY D 156 28.36 19.14 -26.58
N ASN D 157 28.14 19.74 -25.42
CA ASN D 157 28.07 19.03 -24.16
C ASN D 157 26.62 18.94 -23.69
N ALA D 158 26.19 17.74 -23.33
CA ALA D 158 24.85 17.51 -22.81
C ALA D 158 24.93 16.81 -21.46
N ALA D 159 23.94 17.09 -20.62
CA ALA D 159 23.92 16.58 -19.25
C ALA D 159 23.71 15.07 -19.24
N VAL D 160 24.30 14.41 -18.23
CA VAL D 160 24.24 12.96 -18.11
C VAL D 160 23.85 12.60 -16.68
N VAL D 161 23.32 11.38 -16.54
CA VAL D 161 23.03 10.77 -15.24
C VAL D 161 23.89 9.52 -15.12
N LEU D 162 24.73 9.47 -14.08
CA LEU D 162 25.58 8.31 -13.85
C LEU D 162 24.78 7.28 -13.08
N ARG D 163 24.02 6.47 -13.81
CA ARG D 163 23.16 5.47 -13.20
C ARG D 163 23.99 4.35 -12.59
N SER D 164 23.58 3.90 -11.41
CA SER D 164 24.34 2.89 -10.68
C SER D 164 23.99 1.49 -11.18
N ARG D 165 24.92 0.56 -10.97
CA ARG D 165 24.73 -0.84 -11.31
C ARG D 165 25.21 -1.71 -10.16
N LEU D 166 24.85 -2.99 -10.21
CA LEU D 166 25.10 -3.94 -9.14
C LEU D 166 26.03 -5.05 -9.62
N LYS D 167 27.06 -5.35 -8.82
CA LYS D 167 27.97 -6.45 -9.09
C LYS D 167 27.50 -7.67 -8.31
N VAL D 168 26.63 -8.46 -8.93
CA VAL D 168 26.13 -9.67 -8.28
C VAL D 168 27.05 -10.83 -8.62
N ARG D 169 27.39 -11.62 -7.60
CA ARG D 169 28.29 -12.76 -7.75
C ARG D 169 27.63 -13.98 -7.15
N VAL D 170 27.41 -15.00 -7.97
CA VAL D 170 26.76 -16.24 -7.55
C VAL D 170 27.85 -17.29 -7.34
N VAL D 171 27.92 -17.84 -6.13
CA VAL D 171 28.94 -18.80 -5.76
C VAL D 171 28.28 -20.16 -5.62
N LYS D 172 28.86 -21.16 -6.29
CA LYS D 172 28.33 -22.51 -6.29
C LYS D 172 29.18 -23.41 -5.39
N GLU D 173 28.52 -24.37 -4.75
CA GLU D 173 29.21 -25.29 -3.84
C GLU D 173 30.14 -26.22 -4.61
N ALA D 203 32.15 -17.12 -8.98
CA ALA D 203 32.42 -17.97 -10.14
C ALA D 203 31.78 -17.38 -11.39
N MET D 204 30.70 -16.63 -11.21
CA MET D 204 29.98 -16.02 -12.33
C MET D 204 29.45 -14.66 -11.88
N GLN D 205 30.12 -13.60 -12.30
CA GLN D 205 29.67 -12.25 -11.99
C GLN D 205 28.69 -11.76 -13.04
N TYR D 206 27.84 -10.82 -12.65
CA TYR D 206 26.95 -10.12 -13.56
C TYR D 206 26.89 -8.65 -13.18
N GLN D 207 26.58 -7.81 -14.16
CA GLN D 207 26.31 -6.40 -13.92
C GLN D 207 24.82 -6.16 -14.20
N VAL D 208 24.11 -5.64 -13.20
CA VAL D 208 22.67 -5.49 -13.26
C VAL D 208 22.33 -4.01 -13.15
N LEU D 209 21.53 -3.51 -14.08
CA LEU D 209 21.14 -2.10 -14.10
C LEU D 209 19.83 -1.86 -13.36
N ASN D 210 18.81 -2.68 -13.61
CA ASN D 210 17.51 -2.47 -12.99
C ASN D 210 17.37 -3.24 -11.67
N GLU D 211 17.46 -4.56 -11.71
CA GLU D 211 17.05 -5.35 -10.56
C GLU D 211 17.54 -6.78 -10.69
N VAL D 212 17.84 -7.38 -9.54
CA VAL D 212 18.04 -8.82 -9.42
C VAL D 212 16.91 -9.38 -8.56
N VAL D 213 16.24 -10.41 -9.05
CA VAL D 213 15.05 -10.96 -8.41
C VAL D 213 15.32 -12.40 -8.01
N ILE D 214 15.01 -12.72 -6.76
CA ILE D 214 15.12 -14.07 -6.24
C ILE D 214 13.70 -14.50 -5.85
N ASP D 215 13.08 -15.35 -6.66
CA ASP D 215 11.68 -15.69 -6.47
C ASP D 215 11.47 -17.18 -6.71
N ARG D 216 10.29 -17.65 -6.32
CA ARG D 216 9.86 -19.02 -6.57
C ARG D 216 9.58 -19.18 -8.06
N GLY D 217 10.42 -19.95 -8.75
CA GLY D 217 10.36 -20.03 -10.18
C GLY D 217 9.39 -21.09 -10.66
N PRO D 218 9.86 -21.97 -11.56
CA PRO D 218 9.00 -23.04 -12.07
C PRO D 218 8.67 -24.05 -10.99
N SER D 219 7.94 -23.60 -9.98
CA SER D 219 7.58 -24.41 -8.83
C SER D 219 6.46 -23.69 -8.10
N SER D 220 6.13 -24.16 -6.90
CA SER D 220 5.04 -23.59 -6.12
C SER D 220 5.49 -23.51 -4.66
N TYR D 221 4.53 -23.31 -3.76
CA TYR D 221 4.76 -23.23 -2.32
C TYR D 221 5.52 -21.95 -1.96
N LEU D 222 5.45 -21.54 -0.70
CA LEU D 222 6.06 -20.30 -0.26
C LEU D 222 7.58 -20.41 -0.34
N SER D 223 8.27 -19.31 -0.02
CA SER D 223 9.71 -19.26 -0.07
C SER D 223 10.26 -18.84 1.28
N ASN D 224 11.45 -19.37 1.61
CA ASN D 224 12.15 -19.03 2.85
C ASN D 224 13.62 -18.84 2.50
N VAL D 225 14.02 -17.60 2.25
CA VAL D 225 15.38 -17.26 1.88
C VAL D 225 15.88 -16.18 2.83
N ASP D 226 17.14 -16.31 3.24
CA ASP D 226 17.73 -15.40 4.21
C ASP D 226 18.50 -14.29 3.51
N VAL D 227 18.44 -13.08 4.08
CA VAL D 227 19.12 -11.92 3.55
C VAL D 227 20.12 -11.45 4.58
N TYR D 228 21.40 -11.48 4.22
CA TYR D 228 22.48 -11.02 5.10
C TYR D 228 23.05 -9.72 4.55
N LEU D 229 23.21 -8.75 5.45
CA LEU D 229 23.71 -7.43 5.09
C LEU D 229 24.89 -7.12 5.99
N ASP D 230 26.09 -7.06 5.41
CA ASP D 230 27.33 -6.85 6.14
C ASP D 230 27.53 -7.92 7.22
N GLY D 231 27.20 -9.15 6.89
CA GLY D 231 27.41 -10.27 7.78
C GLY D 231 26.36 -10.49 8.83
N HIS D 232 25.33 -9.65 8.90
CA HIS D 232 24.27 -9.76 9.90
C HIS D 232 22.96 -10.10 9.21
N LEU D 233 22.26 -11.10 9.73
CA LEU D 233 20.96 -11.49 9.19
C LEU D 233 19.94 -10.41 9.50
N ILE D 234 19.68 -9.52 8.54
CA ILE D 234 18.73 -8.44 8.78
C ILE D 234 17.30 -8.97 8.82
N THR D 235 16.95 -9.84 7.88
CA THR D 235 15.58 -10.33 7.79
C THR D 235 15.56 -11.64 7.01
N THR D 236 14.49 -12.39 7.22
CA THR D 236 14.18 -13.59 6.45
C THR D 236 12.84 -13.35 5.76
N VAL D 237 12.88 -13.19 4.44
CA VAL D 237 11.69 -12.83 3.68
C VAL D 237 10.94 -14.10 3.29
N GLN D 238 9.62 -14.09 3.51
CA GLN D 238 8.74 -15.18 3.14
C GLN D 238 7.63 -14.62 2.26
N GLY D 239 7.40 -15.26 1.14
CA GLY D 239 6.48 -14.77 0.14
C GLY D 239 6.94 -15.22 -1.23
N ASP D 240 6.68 -14.38 -2.23
CA ASP D 240 7.10 -14.72 -3.58
C ASP D 240 8.60 -14.49 -3.80
N GLY D 241 9.16 -13.42 -3.24
CA GLY D 241 10.58 -13.18 -3.41
C GLY D 241 10.97 -11.77 -3.04
N VAL D 242 12.13 -11.35 -3.55
CA VAL D 242 12.73 -10.06 -3.25
C VAL D 242 13.31 -9.46 -4.53
N ILE D 243 13.25 -8.13 -4.63
CA ILE D 243 13.56 -7.40 -5.87
C ILE D 243 14.70 -6.42 -5.62
N VAL D 244 15.72 -6.83 -4.87
CA VAL D 244 16.88 -5.98 -4.64
C VAL D 244 17.31 -5.30 -5.95
N SER D 245 17.38 -3.97 -5.94
CA SER D 245 17.44 -3.22 -7.19
C SER D 245 18.16 -1.89 -6.98
N THR D 246 18.57 -1.32 -8.10
CA THR D 246 19.19 0.01 -8.14
C THR D 246 18.12 1.10 -8.16
N PRO D 247 18.51 2.36 -7.93
CA PRO D 247 17.53 3.45 -8.06
C PRO D 247 16.91 3.54 -9.44
N THR D 248 17.63 3.15 -10.50
CA THR D 248 17.05 3.16 -11.83
C THR D 248 15.93 2.12 -11.96
N GLY D 249 16.04 1.01 -11.23
CA GLY D 249 15.00 0.01 -11.19
C GLY D 249 13.84 0.31 -10.27
N SER D 250 13.90 1.43 -9.55
CA SER D 250 12.80 1.83 -8.67
C SER D 250 11.51 2.11 -9.43
N THR D 251 11.61 2.42 -10.73
CA THR D 251 10.45 2.57 -11.59
C THR D 251 10.17 1.31 -12.40
N ALA D 252 11.00 0.29 -12.26
CA ALA D 252 10.84 -0.99 -12.94
C ALA D 252 9.95 -1.90 -12.11
N TYR D 253 9.97 -3.20 -12.41
CA TYR D 253 9.17 -4.20 -11.69
C TYR D 253 9.25 -4.04 -10.16
N ALA D 254 10.31 -3.44 -9.64
CA ALA D 254 10.36 -3.15 -8.21
C ALA D 254 9.23 -2.21 -7.80
N ALA D 255 8.84 -1.30 -8.70
CA ALA D 255 7.75 -0.38 -8.39
C ALA D 255 6.42 -1.11 -8.26
N ALA D 256 6.21 -2.15 -9.06
CA ALA D 256 4.95 -2.88 -9.00
C ALA D 256 4.78 -3.63 -7.70
N ALA D 257 5.85 -3.82 -6.92
CA ALA D 257 5.81 -4.55 -5.67
C ALA D 257 5.64 -3.65 -4.46
N GLY D 258 5.39 -2.37 -4.66
CA GLY D 258 5.20 -1.45 -3.56
C GLY D 258 6.37 -0.56 -3.21
N ALA D 259 7.44 -0.59 -4.00
CA ALA D 259 8.60 0.23 -3.68
C ALA D 259 8.36 1.69 -4.04
N SER D 260 9.06 2.57 -3.33
CA SER D 260 9.02 3.98 -3.62
C SER D 260 9.89 4.30 -4.83
N MET D 261 9.67 5.49 -5.40
CA MET D 261 10.35 5.89 -6.63
C MET D 261 11.55 6.74 -6.27
N ILE D 262 12.75 6.20 -6.50
CA ILE D 262 14.00 6.84 -6.12
C ILE D 262 14.61 7.50 -7.35
N HIS D 263 15.02 8.75 -7.19
CA HIS D 263 15.71 9.45 -8.26
C HIS D 263 17.08 8.81 -8.51
N PRO D 264 17.51 8.71 -9.76
CA PRO D 264 18.77 8.00 -10.06
C PRO D 264 20.02 8.70 -9.59
N ASN D 265 19.93 9.87 -8.94
CA ASN D 265 21.09 10.51 -8.34
C ASN D 265 21.24 10.21 -6.86
N VAL D 266 20.35 9.39 -6.29
CA VAL D 266 20.44 8.99 -4.89
C VAL D 266 21.32 7.74 -4.81
N PRO D 267 22.46 7.78 -4.14
CA PRO D 267 23.32 6.60 -4.06
C PRO D 267 22.86 5.59 -3.00
N ALA D 268 21.94 4.71 -3.37
CA ALA D 268 21.41 3.74 -2.40
C ALA D 268 20.96 2.48 -3.12
N ILE D 269 20.80 1.41 -2.33
CA ILE D 269 20.36 0.11 -2.83
C ILE D 269 19.04 -0.23 -2.16
N MET D 270 18.06 -0.69 -2.94
CA MET D 270 16.73 -0.96 -2.44
C MET D 270 16.52 -2.45 -2.23
N ILE D 271 15.66 -2.78 -1.26
CA ILE D 271 15.21 -4.16 -1.03
C ILE D 271 13.70 -4.14 -0.96
N THR D 272 13.05 -4.84 -1.89
CA THR D 272 11.60 -4.83 -2.00
C THR D 272 11.08 -6.25 -2.14
N PRO D 273 10.17 -6.68 -1.29
CA PRO D 273 9.62 -8.04 -1.39
C PRO D 273 8.54 -8.12 -2.47
N ILE D 274 8.20 -9.35 -2.82
CA ILE D 274 7.10 -9.63 -3.74
C ILE D 274 6.03 -10.33 -2.92
N CYS D 275 4.94 -9.63 -2.62
CA CYS D 275 3.83 -10.17 -1.85
C CYS D 275 4.33 -10.82 -0.55
N PRO D 276 4.88 -10.04 0.38
CA PRO D 276 5.35 -10.64 1.64
C PRO D 276 4.20 -11.19 2.46
N HIS D 277 4.49 -12.27 3.18
CA HIS D 277 3.46 -12.90 4.00
C HIS D 277 3.07 -12.02 5.18
N SER D 278 4.05 -11.33 5.78
CA SER D 278 3.80 -10.45 6.91
C SER D 278 3.32 -9.09 6.41
N LEU D 279 2.22 -8.60 6.99
CA LEU D 279 1.67 -7.33 6.55
C LEU D 279 2.58 -6.16 6.89
N SER D 280 3.36 -6.28 7.97
CA SER D 280 4.31 -5.23 8.35
C SER D 280 5.69 -5.62 7.83
N PHE D 281 5.87 -5.46 6.53
CA PHE D 281 7.21 -5.64 5.95
C PHE D 281 7.28 -4.69 4.74
N ARG D 282 7.77 -3.51 4.98
CA ARG D 282 7.84 -2.41 4.04
C ARG D 282 9.19 -2.40 3.34
N PRO D 283 9.23 -1.99 2.07
CA PRO D 283 10.52 -1.93 1.37
C PRO D 283 11.49 -1.00 2.09
N ILE D 284 12.76 -1.40 2.12
CA ILE D 284 13.81 -0.62 2.74
C ILE D 284 14.84 -0.29 1.68
N VAL D 285 15.58 0.79 1.92
CA VAL D 285 16.69 1.19 1.06
C VAL D 285 17.91 1.40 1.94
N VAL D 286 19.04 0.88 1.50
CA VAL D 286 20.24 0.78 2.32
C VAL D 286 21.34 1.57 1.63
N PRO D 287 22.39 1.95 2.35
CA PRO D 287 23.47 2.74 1.72
C PRO D 287 24.11 1.99 0.57
N ALA D 288 24.61 2.76 -0.40
CA ALA D 288 25.13 2.16 -1.64
C ALA D 288 26.33 1.27 -1.37
N GLY D 289 27.24 1.68 -0.49
CA GLY D 289 28.47 0.95 -0.29
C GLY D 289 28.36 -0.24 0.64
N VAL D 290 27.23 -0.92 0.61
CA VAL D 290 26.99 -2.05 1.49
C VAL D 290 27.19 -3.34 0.71
N GLU D 291 27.51 -4.42 1.43
CA GLU D 291 27.69 -5.74 0.84
C GLU D 291 26.54 -6.63 1.25
N LEU D 292 25.61 -6.88 0.33
CA LEU D 292 24.49 -7.77 0.55
C LEU D 292 24.87 -9.21 0.25
N LYS D 293 24.10 -10.12 0.81
CA LYS D 293 24.33 -11.55 0.60
C LYS D 293 23.03 -12.29 0.88
N ILE D 294 22.45 -12.89 -0.16
CA ILE D 294 21.18 -13.58 -0.08
C ILE D 294 21.42 -15.06 -0.30
N MET D 295 20.93 -15.90 0.62
CA MET D 295 21.12 -17.33 0.53
C MET D 295 19.91 -18.03 1.15
N LEU D 296 19.68 -19.27 0.72
CA LEU D 296 18.51 -20.01 1.17
C LEU D 296 18.60 -20.33 2.66
N SER D 297 17.46 -20.25 3.33
CA SER D 297 17.41 -20.63 4.74
C SER D 297 17.63 -22.13 4.88
N PRO D 298 18.40 -22.57 5.88
CA PRO D 298 18.62 -24.00 6.06
C PRO D 298 17.34 -24.80 6.31
N GLU D 299 16.35 -24.19 6.95
CA GLU D 299 15.08 -24.87 7.25
C GLU D 299 14.07 -24.58 6.14
N ALA D 300 14.40 -25.07 4.96
CA ALA D 300 13.52 -24.94 3.80
C ALA D 300 13.85 -26.05 2.82
N ARG D 301 12.84 -26.43 2.02
CA ARG D 301 12.98 -27.54 1.09
C ARG D 301 12.98 -27.10 -0.36
N ASN D 302 11.97 -26.36 -0.80
CA ASN D 302 11.90 -25.93 -2.19
C ASN D 302 12.98 -24.90 -2.49
N THR D 303 13.68 -25.11 -3.60
CA THR D 303 14.74 -24.20 -4.01
C THR D 303 14.15 -22.94 -4.62
N ALA D 304 15.02 -21.96 -4.84
CA ALA D 304 14.63 -20.66 -5.39
C ALA D 304 15.36 -20.40 -6.68
N TRP D 305 14.82 -19.50 -7.48
CA TRP D 305 15.36 -19.13 -8.77
C TRP D 305 15.72 -17.65 -8.78
N VAL D 306 16.84 -17.33 -9.43
CA VAL D 306 17.35 -15.96 -9.47
C VAL D 306 17.34 -15.48 -10.91
N SER D 307 16.94 -14.22 -11.11
CA SER D 307 16.92 -13.60 -12.43
C SER D 307 17.68 -12.29 -12.38
N PHE D 308 18.29 -11.93 -13.50
CA PHE D 308 19.09 -10.71 -13.61
C PHE D 308 18.55 -9.87 -14.76
N ASP D 309 17.67 -8.92 -14.45
CA ASP D 309 17.08 -8.03 -15.44
C ASP D 309 16.33 -8.80 -16.52
N GLY D 310 15.59 -9.84 -16.11
CA GLY D 310 14.85 -10.65 -17.06
C GLY D 310 15.76 -11.41 -17.99
N ARG D 311 16.84 -11.98 -17.45
CA ARG D 311 17.81 -12.73 -18.22
C ARG D 311 17.97 -14.11 -17.62
N LYS D 312 19.02 -14.82 -18.03
CA LYS D 312 19.26 -16.21 -17.65
C LYS D 312 18.88 -16.48 -16.20
N ARG D 313 18.06 -17.51 -16.02
CA ARG D 313 17.59 -17.92 -14.70
C ARG D 313 18.30 -19.21 -14.30
N GLN D 314 18.80 -19.24 -13.07
CA GLN D 314 19.48 -20.41 -12.55
C GLN D 314 18.99 -20.67 -11.14
N GLU D 315 18.67 -21.93 -10.86
CA GLU D 315 18.17 -22.30 -9.54
C GLU D 315 19.30 -22.27 -8.52
N ILE D 316 19.00 -21.74 -7.35
CA ILE D 316 19.95 -21.71 -6.23
C ILE D 316 19.44 -22.67 -5.17
N ARG D 317 20.28 -23.62 -4.78
CA ARG D 317 19.97 -24.60 -3.76
C ARG D 317 20.67 -24.20 -2.45
N HIS D 318 20.66 -25.12 -1.48
CA HIS D 318 21.13 -24.80 -0.14
C HIS D 318 22.55 -24.24 -0.14
N GLY D 319 23.44 -24.80 -0.94
CA GLY D 319 24.83 -24.41 -0.92
C GLY D 319 25.19 -23.17 -1.70
N ASP D 320 24.23 -22.55 -2.39
CA ASP D 320 24.51 -21.41 -3.25
C ASP D 320 24.17 -20.11 -2.54
N SER D 321 24.95 -19.07 -2.84
CA SER D 321 24.75 -17.75 -2.28
C SER D 321 25.03 -16.69 -3.33
N ILE D 322 24.28 -15.60 -3.28
CA ILE D 322 24.45 -14.48 -4.20
C ILE D 322 24.84 -13.25 -3.37
N SER D 323 25.87 -12.55 -3.84
CA SER D 323 26.39 -11.37 -3.16
C SER D 323 26.21 -10.15 -4.05
N ILE D 324 25.65 -9.07 -3.49
CA ILE D 324 25.28 -7.88 -4.24
C ILE D 324 26.03 -6.69 -3.68
N THR D 325 26.64 -5.90 -4.57
CA THR D 325 27.43 -4.75 -4.18
C THR D 325 27.37 -3.73 -5.31
N THR D 326 27.36 -2.45 -4.95
CA THR D 326 27.30 -1.39 -5.95
C THR D 326 28.53 -1.44 -6.85
N SER D 327 28.31 -1.37 -8.16
CA SER D 327 29.38 -1.45 -9.13
C SER D 327 30.17 -0.14 -9.17
N THR D 328 31.42 -0.25 -9.62
CA THR D 328 32.28 0.89 -9.84
C THR D 328 32.24 1.39 -11.28
N TYR D 329 31.39 0.79 -12.12
CA TYR D 329 31.28 1.14 -13.53
C TYR D 329 29.84 1.55 -13.82
N PRO D 330 29.49 2.82 -13.61
CA PRO D 330 28.12 3.26 -13.82
C PRO D 330 27.78 3.37 -15.30
N LEU D 331 26.48 3.50 -15.57
CA LEU D 331 25.98 3.64 -16.93
C LEU D 331 25.54 5.08 -17.15
N PRO D 332 26.27 5.88 -17.94
CA PRO D 332 25.86 7.26 -18.17
C PRO D 332 24.80 7.34 -19.27
N SER D 333 23.67 7.96 -18.94
CA SER D 333 22.59 8.20 -19.89
C SER D 333 22.43 9.70 -20.08
N ILE D 334 22.42 10.14 -21.33
CA ILE D 334 22.35 11.56 -21.65
C ILE D 334 20.90 12.04 -21.46
N CYS D 335 20.75 13.23 -20.90
CA CYS D 335 19.43 13.80 -20.64
C CYS D 335 19.08 14.84 -21.70
N VAL D 336 17.81 14.86 -22.09
CA VAL D 336 17.36 15.80 -23.10
C VAL D 336 17.39 17.24 -22.56
N ARG D 337 16.94 17.44 -21.32
CA ARG D 337 16.90 18.76 -20.72
C ARG D 337 17.83 18.88 -19.52
N ASP D 338 17.64 18.04 -18.50
CA ASP D 338 18.46 18.08 -17.30
C ASP D 338 18.23 16.78 -16.54
N PRO D 339 19.13 16.42 -15.62
CA PRO D 339 18.99 15.13 -14.93
C PRO D 339 17.72 14.97 -14.14
N VAL D 340 17.05 16.05 -13.76
CA VAL D 340 15.92 15.98 -12.84
C VAL D 340 14.59 16.07 -13.58
N SER D 341 14.41 17.07 -14.43
CA SER D 341 13.09 17.29 -15.03
C SER D 341 12.68 16.14 -15.94
N ASP D 342 13.66 15.51 -16.60
CA ASP D 342 13.34 14.38 -17.47
C ASP D 342 12.77 13.23 -16.66
N TRP D 343 13.29 13.01 -15.45
CA TRP D 343 12.77 11.94 -14.60
C TRP D 343 11.31 12.18 -14.23
N PHE D 344 10.97 13.42 -13.89
CA PHE D 344 9.58 13.71 -13.53
C PHE D 344 8.66 13.66 -14.74
N GLU D 345 9.15 14.09 -15.91
CA GLU D 345 8.35 13.94 -17.13
C GLU D 345 8.10 12.48 -17.44
N SER D 346 9.11 11.63 -17.25
CA SER D 346 8.94 10.20 -17.47
C SER D 346 7.95 9.63 -16.46
N LEU D 347 8.02 10.08 -15.20
CA LEU D 347 7.04 9.65 -14.22
C LEU D 347 5.63 10.06 -14.62
N ALA D 348 5.49 11.26 -15.18
CA ALA D 348 4.17 11.77 -15.56
C ALA D 348 3.57 10.97 -16.71
N GLN D 349 4.26 10.93 -17.85
CA GLN D 349 3.66 10.26 -19.00
C GLN D 349 3.87 8.75 -18.99
N CYS D 350 5.10 8.29 -18.76
CA CYS D 350 5.39 6.87 -18.83
C CYS D 350 4.63 6.07 -17.78
N LEU D 351 4.55 6.58 -16.55
CA LEU D 351 4.04 5.82 -15.43
C LEU D 351 2.79 6.39 -14.79
N HIS D 352 2.39 7.61 -15.17
CA HIS D 352 1.25 8.31 -14.57
C HIS D 352 1.46 8.50 -13.06
N TRP D 353 2.50 9.28 -12.74
CA TRP D 353 2.83 9.54 -11.34
C TRP D 353 1.76 10.38 -10.65
N ASN D 354 0.94 11.10 -11.42
CA ASN D 354 -0.14 11.88 -10.84
C ASN D 354 -1.17 12.24 -11.92
#